data_5KGM
#
_entry.id   5KGM
#
_cell.length_a   67.850
_cell.length_b   94.375
_cell.length_c   102.201
_cell.angle_alpha   90.000
_cell.angle_beta   96.570
_cell.angle_gamma   90.000
#
_symmetry.space_group_name_H-M   'P 1 21 1'
#
loop_
_entity.id
_entity.type
_entity.pdbx_description
1 polymer '2,3-bisphosphoglycerate-independent phosphoglycerate mutase'
2 non-polymer 'CHLORIDE ION'
3 non-polymer 'MANGANESE (II) ION'
4 non-polymer 'ZINC ION'
#
_entity_poly.entity_id   1
_entity_poly.type   'polypeptide(L)'
_entity_poly.pdbx_seq_one_letter_code
;MFVALGAQIYRQYFGRRGMAMANNSSVANKVCLIVIDGWGVSEDPYGNAILNAQTPVMDKLCSGNWAQIEAHGLHVGLPE
GLMGNSEVGHLNIGAGRVIYQDIVRINLAVKNNKFVTNESLVDACDRAKNGNGRLHLAGLVSDGGVHSHIDHMFALVKAI
KELGVPELYLHFYGDGRDTSPNSGVGFLEQTLEFLEKTTGYGKLATVVGRYYAMDRDNRWERINVAYEAMIGGVGETSDE
AGVVEVVRKRYAADETDEFLKPIILQGEKGRVQNDDTIIFFDYRADRMREISAAMGMDRYKDCNSKLAHPSNLQVYGMTQ
YKAEFPFKSLFPPASNKNVLAEWLAEQKVSQFHCAETEKYAHVTFFFNGGLEKQFEGEERCLVPSPKVATYDLQPEMSAA
GVADKMIEQLEAGTHPFIMCNFAPPDMVGHTGVYEAAVKACEATDIAIGRIYEATQKHGYSLMVTADHGNAEKMKAPDGG
KHTAHTCYRVPLTLSHPGFKFVDPADRHPALCDVAPTVLAIMGLPQPAEMTGVSIVQKIKLAAALEHHHHHH
;
_entity_poly.pdbx_strand_id   A,B
#
# COMPACT_ATOMS: atom_id res chain seq x y z
N ALA A 20 -12.87 -2.26 -21.28
CA ALA A 20 -14.29 -2.26 -21.61
C ALA A 20 -14.90 -3.65 -21.44
N MET A 21 -16.23 -3.70 -21.28
CA MET A 21 -16.94 -4.96 -21.05
C MET A 21 -18.32 -4.88 -21.67
N ALA A 22 -18.92 -6.05 -21.86
CA ALA A 22 -20.01 -6.19 -22.82
C ALA A 22 -21.27 -5.40 -22.44
N ASN A 23 -21.55 -5.23 -21.15
CA ASN A 23 -22.80 -4.59 -20.74
C ASN A 23 -22.59 -3.16 -20.27
N ASN A 24 -21.47 -2.55 -20.64
CA ASN A 24 -21.20 -1.17 -20.22
C ASN A 24 -22.31 -0.20 -20.64
N SER A 25 -22.92 -0.43 -21.81
CA SER A 25 -23.97 0.46 -22.31
C SER A 25 -25.34 0.22 -21.66
N SER A 26 -25.51 -0.88 -20.93
CA SER A 26 -26.77 -1.20 -20.26
C SER A 26 -26.97 -0.44 -18.96
N VAL A 27 -25.92 0.20 -18.44
CA VAL A 27 -26.04 0.88 -17.15
C VAL A 27 -26.93 2.11 -17.32
N ALA A 28 -27.73 2.40 -16.31
CA ALA A 28 -28.55 3.61 -16.35
C ALA A 28 -27.79 4.89 -16.01
N ASN A 29 -26.81 4.83 -15.11
CA ASN A 29 -26.04 6.02 -14.75
C ASN A 29 -24.62 5.59 -14.45
N LYS A 30 -23.66 6.33 -14.99
CA LYS A 30 -22.28 6.10 -14.62
C LYS A 30 -21.98 6.82 -13.31
N VAL A 31 -21.20 6.19 -12.44
CA VAL A 31 -20.95 6.70 -11.10
C VAL A 31 -19.44 6.91 -10.92
N CYS A 32 -19.09 8.08 -10.37
CA CYS A 32 -17.77 8.38 -9.84
C CYS A 32 -17.85 8.42 -8.33
N LEU A 33 -17.10 7.55 -7.67
CA LEU A 33 -17.06 7.51 -6.21
C LEU A 33 -15.72 8.05 -5.71
N ILE A 34 -15.76 9.12 -4.95
CA ILE A 34 -14.58 9.65 -4.28
C ILE A 34 -14.61 9.23 -2.82
N VAL A 35 -13.52 8.62 -2.36
CA VAL A 35 -13.35 8.27 -0.97
C VAL A 35 -12.28 9.19 -0.39
N ILE A 36 -12.72 10.22 0.33
CA ILE A 36 -11.80 11.08 1.04
C ILE A 36 -11.32 10.33 2.27
N ASP A 37 -10.03 10.35 2.51
CA ASP A 37 -9.46 9.67 3.67
C ASP A 37 -9.35 10.64 4.84
N GLY A 38 -10.00 10.33 5.96
CA GLY A 38 -9.88 11.14 7.16
C GLY A 38 -10.63 12.45 7.15
N TRP A 39 -11.88 12.45 6.68
CA TRP A 39 -12.70 13.65 6.56
C TRP A 39 -14.04 13.41 7.25
N GLY A 40 -14.16 13.90 8.49
CA GLY A 40 -15.35 13.72 9.30
C GLY A 40 -16.14 15.01 9.46
N VAL A 41 -17.38 14.84 9.92
CA VAL A 41 -18.34 15.93 10.07
C VAL A 41 -18.45 16.29 11.54
N SER A 42 -17.97 17.47 11.89
CA SER A 42 -18.05 17.98 13.24
C SER A 42 -18.43 19.46 13.16
N GLU A 43 -19.39 19.88 13.99
CA GLU A 43 -19.81 21.29 14.04
C GLU A 43 -18.91 22.11 14.95
N ASP A 44 -18.13 21.47 15.82
CA ASP A 44 -17.20 22.16 16.71
C ASP A 44 -16.03 22.76 15.91
N PRO A 45 -15.84 24.09 15.94
CA PRO A 45 -14.74 24.68 15.17
C PRO A 45 -13.38 24.49 15.81
N TYR A 46 -13.31 24.08 17.08
CA TYR A 46 -12.02 24.04 17.76
C TYR A 46 -11.14 22.94 17.17
N GLY A 47 -10.01 23.36 16.61
CA GLY A 47 -9.08 22.44 16.00
C GLY A 47 -9.63 21.75 14.77
N ASN A 48 -10.73 22.24 14.20
CA ASN A 48 -11.36 21.57 13.07
C ASN A 48 -10.80 22.11 11.77
N ALA A 49 -9.80 21.41 11.24
CA ALA A 49 -9.14 21.87 10.02
C ALA A 49 -10.03 21.75 8.80
N ILE A 50 -11.04 20.88 8.86
CA ILE A 50 -11.96 20.72 7.73
C ILE A 50 -12.95 21.87 7.70
N LEU A 51 -13.62 22.08 8.84
CA LEU A 51 -14.58 23.18 8.96
C LEU A 51 -13.90 24.50 8.65
N ASN A 52 -12.74 24.73 9.26
CA ASN A 52 -12.07 26.02 9.20
C ASN A 52 -11.39 26.25 7.86
N ALA A 53 -11.00 25.19 7.16
CA ALA A 53 -10.42 25.40 5.86
C ALA A 53 -11.48 25.95 4.90
N GLN A 54 -11.01 26.68 3.89
CA GLN A 54 -11.86 27.11 2.79
C GLN A 54 -12.17 25.90 1.91
N THR A 55 -13.39 25.41 2.00
CA THR A 55 -13.85 24.22 1.28
C THR A 55 -15.18 24.47 0.59
N PRO A 56 -15.24 25.47 -0.31
CA PRO A 56 -16.52 25.81 -0.97
C PRO A 56 -17.15 24.66 -1.75
N VAL A 57 -16.33 23.79 -2.34
CA VAL A 57 -16.87 22.71 -3.16
C VAL A 57 -17.60 21.70 -2.26
N MET A 58 -16.90 21.19 -1.24
CA MET A 58 -17.56 20.24 -0.37
C MET A 58 -18.68 20.91 0.43
N ASP A 59 -18.55 22.19 0.73
CA ASP A 59 -19.64 22.93 1.34
C ASP A 59 -20.88 22.90 0.48
N LYS A 60 -20.72 22.89 -0.85
CA LYS A 60 -21.90 22.85 -1.72
C LYS A 60 -22.43 21.43 -1.90
N LEU A 61 -21.53 20.46 -2.09
CA LEU A 61 -21.95 19.06 -2.25
C LEU A 61 -22.67 18.54 -1.00
N CYS A 62 -22.21 18.96 0.18
CA CYS A 62 -22.83 18.60 1.46
C CYS A 62 -23.89 19.63 1.85
N SER A 63 -24.86 19.82 0.95
CA SER A 63 -26.01 20.65 1.27
C SER A 63 -27.22 20.09 0.55
N GLY A 64 -28.39 20.48 1.01
CA GLY A 64 -29.62 20.01 0.41
C GLY A 64 -29.71 18.50 0.62
N ASN A 65 -29.85 17.77 -0.49
CA ASN A 65 -29.96 16.32 -0.46
C ASN A 65 -28.57 15.71 -0.35
N TRP A 66 -28.17 15.43 0.89
CA TRP A 66 -26.98 14.66 1.19
C TRP A 66 -27.22 13.92 2.49
N ALA A 67 -26.32 13.01 2.84
CA ALA A 67 -26.48 12.20 4.03
C ALA A 67 -25.22 12.22 4.89
N GLN A 68 -25.39 11.82 6.16
CA GLN A 68 -24.27 11.61 7.06
C GLN A 68 -24.37 10.19 7.61
N ILE A 69 -23.32 9.40 7.40
CA ILE A 69 -23.34 7.96 7.68
C ILE A 69 -22.21 7.57 8.63
N GLU A 70 -22.45 6.49 9.38
CA GLU A 70 -21.54 6.02 10.43
C GLU A 70 -20.37 5.24 9.85
N ALA A 71 -19.23 5.36 10.53
CA ALA A 71 -17.99 4.75 10.06
C ALA A 71 -17.15 4.23 11.22
N HIS A 72 -17.77 3.91 12.36
CA HIS A 72 -17.07 3.43 13.53
C HIS A 72 -17.93 2.38 14.25
N GLY A 73 -17.31 1.70 15.21
CA GLY A 73 -18.01 0.80 16.10
C GLY A 73 -18.74 -0.30 15.35
N LEU A 74 -19.87 -0.73 15.92
CA LEU A 74 -20.61 -1.83 15.32
C LEU A 74 -21.15 -1.49 13.94
N HIS A 75 -21.29 -0.21 13.61
CA HIS A 75 -21.74 0.14 12.26
C HIS A 75 -20.76 -0.36 11.22
N VAL A 76 -19.49 -0.51 11.59
CA VAL A 76 -18.50 -1.04 10.67
C VAL A 76 -17.87 -2.33 11.21
N GLY A 77 -18.57 -3.03 12.09
CA GLY A 77 -18.11 -4.32 12.59
C GLY A 77 -17.09 -4.30 13.70
N LEU A 78 -16.80 -3.16 14.27
CA LEU A 78 -15.87 -3.01 15.35
C LEU A 78 -16.56 -2.95 16.72
N PRO A 79 -15.81 -3.21 17.79
CA PRO A 79 -16.37 -3.08 19.14
C PRO A 79 -17.01 -1.71 19.35
N GLU A 80 -18.03 -1.67 20.23
CA GLU A 80 -18.75 -0.43 20.45
C GLU A 80 -17.80 0.70 20.84
N GLY A 81 -18.03 1.86 20.24
CA GLY A 81 -17.30 3.07 20.56
C GLY A 81 -15.93 3.22 19.94
N LEU A 82 -15.48 2.24 19.15
CA LEU A 82 -14.13 2.25 18.58
C LEU A 82 -14.08 2.97 17.23
N MET A 83 -13.12 3.89 17.10
CA MET A 83 -12.93 4.68 15.89
C MET A 83 -12.62 3.80 14.67
N GLY A 84 -12.95 4.34 13.49
CA GLY A 84 -12.66 3.69 12.24
C GLY A 84 -11.18 3.73 11.87
N ASN A 85 -10.87 3.08 10.76
CA ASN A 85 -9.53 3.09 10.19
C ASN A 85 -9.65 2.76 8.70
N SER A 86 -8.54 2.90 7.97
CA SER A 86 -8.62 2.83 6.50
C SER A 86 -8.94 1.41 6.03
N GLU A 87 -8.45 0.38 6.73
CA GLU A 87 -8.70 -0.99 6.29
C GLU A 87 -10.16 -1.37 6.52
N VAL A 88 -10.68 -1.06 7.71
CA VAL A 88 -12.08 -1.32 8.00
C VAL A 88 -12.96 -0.52 7.06
N GLY A 89 -12.64 0.75 6.87
CA GLY A 89 -13.50 1.61 6.09
C GLY A 89 -13.58 1.19 4.64
N HIS A 90 -12.42 0.95 4.02
CA HIS A 90 -12.44 0.55 2.63
C HIS A 90 -13.01 -0.85 2.46
N LEU A 91 -12.79 -1.75 3.43
CA LEU A 91 -13.44 -3.06 3.39
C LEU A 91 -14.96 -2.92 3.38
N ASN A 92 -15.51 -2.16 4.34
CA ASN A 92 -16.96 -2.03 4.45
C ASN A 92 -17.55 -1.27 3.26
N ILE A 93 -16.86 -0.23 2.81
CA ILE A 93 -17.34 0.50 1.64
C ILE A 93 -17.39 -0.44 0.43
N GLY A 94 -16.32 -1.22 0.24
CA GLY A 94 -16.25 -2.07 -0.93
C GLY A 94 -17.23 -3.24 -0.87
N ALA A 95 -17.58 -3.67 0.33
CA ALA A 95 -18.28 -4.94 0.50
C ALA A 95 -19.80 -4.78 0.47
N GLY A 96 -20.35 -3.60 0.76
CA GLY A 96 -21.79 -3.47 0.82
C GLY A 96 -22.40 -4.33 1.90
N ARG A 97 -21.67 -4.52 2.99
CA ARG A 97 -22.12 -5.30 4.14
C ARG A 97 -21.22 -4.89 5.29
N VAL A 98 -21.64 -5.20 6.52
CA VAL A 98 -20.74 -4.99 7.64
C VAL A 98 -19.74 -6.14 7.63
N ILE A 99 -18.46 -5.79 7.56
CA ILE A 99 -17.40 -6.76 7.75
C ILE A 99 -17.06 -6.74 9.23
N TYR A 100 -17.43 -7.81 9.92
CA TYR A 100 -17.26 -7.97 11.34
C TYR A 100 -15.86 -8.40 11.76
N GLN A 101 -15.59 -8.22 13.04
CA GLN A 101 -14.35 -8.68 13.64
C GLN A 101 -14.74 -9.88 14.48
N ASP A 102 -13.84 -10.87 14.56
CA ASP A 102 -14.18 -12.12 15.23
C ASP A 102 -14.94 -11.88 16.53
N ILE A 103 -14.42 -10.96 17.36
CA ILE A 103 -14.98 -10.71 18.69
C ILE A 103 -16.43 -10.24 18.58
N VAL A 104 -16.69 -9.31 17.67
CA VAL A 104 -18.04 -8.78 17.48
C VAL A 104 -18.98 -9.89 17.05
N ARG A 105 -18.52 -10.77 16.17
CA ARG A 105 -19.37 -11.84 15.67
C ARG A 105 -19.78 -12.75 16.83
N ILE A 106 -18.81 -13.13 17.66
CA ILE A 106 -19.13 -14.03 18.76
C ILE A 106 -20.04 -13.37 19.78
N ASN A 107 -19.77 -12.10 20.13
CA ASN A 107 -20.61 -11.42 21.09
C ASN A 107 -22.05 -11.30 20.60
N LEU A 108 -22.21 -10.99 19.30
CA LEU A 108 -23.55 -10.97 18.73
C LEU A 108 -24.21 -12.33 18.82
N ALA A 109 -23.47 -13.40 18.49
CA ALA A 109 -24.03 -14.75 18.57
C ALA A 109 -24.50 -15.06 20.00
N VAL A 110 -23.73 -14.65 21.01
CA VAL A 110 -24.18 -14.90 22.38
C VAL A 110 -25.43 -14.08 22.69
N LYS A 111 -25.43 -12.79 22.34
CA LYS A 111 -26.60 -11.95 22.65
C LYS A 111 -27.86 -12.48 21.98
N ASN A 112 -27.76 -12.94 20.74
CA ASN A 112 -28.91 -13.32 19.95
C ASN A 112 -29.11 -14.83 19.90
N ASN A 113 -28.57 -15.57 20.88
CA ASN A 113 -28.78 -17.00 21.01
C ASN A 113 -28.53 -17.77 19.70
N LYS A 114 -27.41 -17.45 19.04
CA LYS A 114 -27.10 -18.06 17.74
C LYS A 114 -26.14 -19.26 17.81
N PHE A 115 -25.60 -19.58 18.99
CA PHE A 115 -24.76 -20.78 19.13
C PHE A 115 -25.55 -22.05 18.82
N VAL A 116 -26.82 -22.09 19.26
CA VAL A 116 -27.65 -23.27 19.08
C VAL A 116 -27.78 -23.66 17.61
N THR A 117 -27.65 -22.69 16.70
CA THR A 117 -27.74 -22.94 15.27
C THR A 117 -26.42 -22.76 14.54
N ASN A 118 -25.30 -22.62 15.27
CA ASN A 118 -23.99 -22.54 14.64
C ASN A 118 -23.63 -23.83 13.90
N GLU A 119 -23.28 -23.71 12.62
CA GLU A 119 -23.08 -24.90 11.79
C GLU A 119 -22.01 -25.83 12.37
N SER A 120 -20.85 -25.27 12.74
CA SER A 120 -19.77 -26.14 13.24
C SER A 120 -20.05 -26.68 14.63
N LEU A 121 -20.73 -25.90 15.48
CA LEU A 121 -21.09 -26.45 16.77
C LEU A 121 -22.06 -27.61 16.63
N VAL A 122 -23.10 -27.43 15.79
CA VAL A 122 -24.03 -28.53 15.52
C VAL A 122 -23.29 -29.73 14.93
N ASP A 123 -22.33 -29.51 14.03
CA ASP A 123 -21.55 -30.63 13.49
C ASP A 123 -20.84 -31.39 14.61
N ALA A 124 -20.16 -30.67 15.48
CA ALA A 124 -19.48 -31.33 16.59
C ALA A 124 -20.45 -32.10 17.49
N CYS A 125 -21.60 -31.48 17.82
CA CYS A 125 -22.57 -32.15 18.68
C CYS A 125 -23.19 -33.36 18.00
N ASP A 126 -23.42 -33.28 16.69
CA ASP A 126 -23.89 -34.44 15.95
C ASP A 126 -22.84 -35.53 15.96
N ARG A 127 -21.56 -35.16 15.84
CA ARG A 127 -20.51 -36.17 15.91
C ARG A 127 -20.54 -36.91 17.24
N ALA A 128 -20.61 -36.17 18.35
CA ALA A 128 -20.68 -36.81 19.67
C ALA A 128 -21.91 -37.68 19.80
N LYS A 129 -23.07 -37.16 19.38
CA LYS A 129 -24.32 -37.87 19.54
C LYS A 129 -24.36 -39.16 18.71
N ASN A 130 -23.85 -39.12 17.49
CA ASN A 130 -23.78 -40.32 16.67
C ASN A 130 -22.60 -41.22 17.06
N GLY A 131 -21.69 -40.73 17.89
CA GLY A 131 -20.52 -41.48 18.33
C GLY A 131 -20.59 -41.92 19.78
N ASN A 132 -19.52 -41.68 20.54
CA ASN A 132 -19.46 -42.13 21.92
C ASN A 132 -20.09 -41.15 22.90
N GLY A 133 -20.72 -40.09 22.40
CA GLY A 133 -21.45 -39.18 23.25
C GLY A 133 -20.60 -38.17 24.02
N ARG A 134 -19.29 -38.15 23.81
CA ARG A 134 -18.37 -37.41 24.67
C ARG A 134 -17.78 -36.19 23.96
N LEU A 135 -17.92 -35.04 24.62
CA LEU A 135 -17.47 -33.75 24.12
C LEU A 135 -16.75 -32.98 25.24
N HIS A 136 -15.73 -32.22 24.85
CA HIS A 136 -14.91 -31.44 25.77
C HIS A 136 -14.89 -29.97 25.37
N LEU A 137 -14.88 -29.08 26.36
CA LEU A 137 -14.61 -27.65 26.17
C LEU A 137 -13.30 -27.29 26.85
N ALA A 138 -12.44 -26.55 26.15
CA ALA A 138 -11.16 -26.18 26.75
C ALA A 138 -10.81 -24.74 26.40
N GLY A 139 -10.39 -23.98 27.41
CA GLY A 139 -9.96 -22.62 27.16
C GLY A 139 -9.67 -21.89 28.45
N LEU A 140 -9.36 -20.60 28.28
CA LEU A 140 -9.03 -19.68 29.36
C LEU A 140 -10.32 -19.19 30.03
N VAL A 141 -10.47 -19.44 31.33
CA VAL A 141 -11.70 -19.13 32.06
C VAL A 141 -11.45 -17.87 32.88
N SER A 142 -11.85 -16.71 32.33
CA SER A 142 -11.81 -15.44 33.04
C SER A 142 -12.54 -14.40 32.21
N ASP A 143 -12.72 -13.22 32.79
CA ASP A 143 -13.27 -12.06 32.10
C ASP A 143 -12.19 -11.16 31.50
N GLY A 144 -10.98 -11.69 31.31
CA GLY A 144 -9.90 -10.88 30.75
C GLY A 144 -10.27 -10.26 29.41
N GLY A 145 -10.91 -11.04 28.56
CA GLY A 145 -11.35 -10.57 27.26
C GLY A 145 -10.27 -10.37 26.22
N VAL A 146 -9.01 -10.70 26.51
CA VAL A 146 -7.98 -10.63 25.48
C VAL A 146 -7.99 -11.90 24.64
N HIS A 147 -7.94 -13.06 25.29
CA HIS A 147 -7.95 -14.36 24.61
C HIS A 147 -9.30 -15.05 24.62
N SER A 148 -10.18 -14.71 25.54
CA SER A 148 -11.43 -15.45 25.69
C SER A 148 -12.35 -14.64 26.57
N HIS A 149 -13.57 -15.15 26.76
CA HIS A 149 -14.39 -14.64 27.84
C HIS A 149 -15.24 -15.78 28.40
N ILE A 150 -15.31 -15.84 29.73
CA ILE A 150 -16.09 -16.87 30.42
C ILE A 150 -17.56 -16.84 29.97
N ASP A 151 -18.07 -15.66 29.62
CA ASP A 151 -19.44 -15.55 29.12
C ASP A 151 -19.63 -16.41 27.88
N HIS A 152 -18.58 -16.49 27.04
CA HIS A 152 -18.63 -17.32 25.85
C HIS A 152 -18.70 -18.78 26.21
N MET A 153 -17.93 -19.18 27.23
CA MET A 153 -17.93 -20.55 27.69
C MET A 153 -19.29 -20.95 28.26
N PHE A 154 -19.90 -20.06 29.05
CA PHE A 154 -21.25 -20.31 29.55
C PHE A 154 -22.24 -20.47 28.41
N ALA A 155 -22.13 -19.62 27.39
CA ALA A 155 -23.04 -19.73 26.26
C ALA A 155 -22.84 -21.05 25.52
N LEU A 156 -21.60 -21.54 25.43
CA LEU A 156 -21.38 -22.83 24.79
C LEU A 156 -21.99 -23.95 25.61
N VAL A 157 -21.86 -23.89 26.93
CA VAL A 157 -22.47 -24.92 27.77
C VAL A 157 -24.00 -24.92 27.56
N LYS A 158 -24.62 -23.74 27.58
CA LYS A 158 -26.07 -23.72 27.42
C LYS A 158 -26.50 -24.25 26.06
N ALA A 159 -25.76 -23.91 25.00
CA ALA A 159 -26.15 -24.40 23.68
C ALA A 159 -25.93 -25.90 23.53
N ILE A 160 -24.78 -26.40 24.01
CA ILE A 160 -24.51 -27.83 23.94
C ILE A 160 -25.55 -28.61 24.71
N LYS A 161 -25.97 -28.08 25.86
CA LYS A 161 -27.02 -28.75 26.63
C LYS A 161 -28.30 -28.79 25.83
N GLU A 162 -28.70 -27.65 25.24
CA GLU A 162 -29.94 -27.63 24.49
C GLU A 162 -29.87 -28.61 23.31
N LEU A 163 -28.68 -28.79 22.73
CA LEU A 163 -28.53 -29.73 21.63
C LEU A 163 -28.48 -31.18 22.06
N GLY A 164 -28.47 -31.47 23.36
CA GLY A 164 -28.69 -32.82 23.84
C GLY A 164 -27.47 -33.72 23.85
N VAL A 165 -26.28 -33.15 23.99
CA VAL A 165 -25.06 -33.96 24.04
C VAL A 165 -25.03 -34.71 25.37
N PRO A 166 -24.80 -36.03 25.37
CA PRO A 166 -24.83 -36.77 26.65
C PRO A 166 -23.84 -36.30 27.69
N GLU A 167 -22.57 -36.11 27.34
CA GLU A 167 -21.53 -35.85 28.33
C GLU A 167 -20.70 -34.68 27.89
N LEU A 168 -20.47 -33.75 28.80
CA LEU A 168 -19.65 -32.57 28.54
C LEU A 168 -18.70 -32.35 29.69
N TYR A 169 -17.42 -32.15 29.35
CA TYR A 169 -16.36 -31.93 30.33
C TYR A 169 -15.66 -30.63 29.99
N LEU A 170 -15.34 -29.85 31.00
CA LEU A 170 -14.67 -28.57 30.85
C LEU A 170 -13.22 -28.65 31.33
N HIS A 171 -12.30 -28.16 30.50
CA HIS A 171 -10.89 -28.02 30.86
C HIS A 171 -10.56 -26.54 31.00
N PHE A 172 -10.27 -26.14 32.24
CA PHE A 172 -10.17 -24.76 32.69
C PHE A 172 -8.69 -24.37 32.69
N TYR A 173 -8.31 -23.40 31.84
CA TYR A 173 -6.96 -22.88 31.85
C TYR A 173 -6.98 -21.63 32.71
N GLY A 174 -6.18 -21.58 33.77
CA GLY A 174 -6.27 -20.44 34.67
C GLY A 174 -5.57 -19.21 34.17
N ASP A 175 -6.24 -18.08 34.35
CA ASP A 175 -5.78 -16.79 33.84
C ASP A 175 -5.07 -16.07 34.98
N GLY A 176 -3.99 -15.38 34.65
CA GLY A 176 -3.25 -14.66 35.67
C GLY A 176 -2.47 -13.52 35.05
N ARG A 177 -2.63 -13.36 33.75
CA ARG A 177 -2.01 -12.33 32.93
C ARG A 177 -3.00 -11.31 32.38
N ASP A 178 -4.14 -11.76 31.85
CA ASP A 178 -5.15 -10.79 31.47
C ASP A 178 -6.03 -10.39 32.64
N THR A 179 -5.85 -11.05 33.79
CA THR A 179 -6.58 -10.71 35.00
C THR A 179 -5.61 -10.90 36.17
N SER A 180 -6.04 -10.51 37.37
CA SER A 180 -5.13 -10.50 38.50
C SER A 180 -4.72 -11.92 38.93
N PRO A 181 -3.52 -12.06 39.52
CA PRO A 181 -3.00 -13.41 39.79
C PRO A 181 -3.77 -14.23 40.82
N ASN A 182 -4.64 -13.63 41.63
CA ASN A 182 -5.40 -14.40 42.61
C ASN A 182 -6.91 -14.37 42.36
N SER A 183 -7.33 -14.07 41.13
CA SER A 183 -8.74 -14.04 40.79
C SER A 183 -9.27 -15.41 40.35
N GLY A 184 -8.39 -16.38 40.10
CA GLY A 184 -8.84 -17.64 39.54
C GLY A 184 -9.83 -18.37 40.42
N VAL A 185 -9.71 -18.22 41.74
CA VAL A 185 -10.64 -18.90 42.65
C VAL A 185 -12.06 -18.40 42.44
N GLY A 186 -12.22 -17.11 42.13
CA GLY A 186 -13.54 -16.58 41.86
C GLY A 186 -14.14 -17.14 40.59
N PHE A 187 -13.35 -17.19 39.51
CA PHE A 187 -13.86 -17.75 38.25
C PHE A 187 -14.17 -19.23 38.40
N LEU A 188 -13.37 -19.94 39.21
CA LEU A 188 -13.63 -21.35 39.52
C LEU A 188 -14.94 -21.51 40.28
N GLU A 189 -15.12 -20.74 41.35
CA GLU A 189 -16.36 -20.77 42.12
C GLU A 189 -17.55 -20.44 41.24
N GLN A 190 -17.42 -19.37 40.45
CA GLN A 190 -18.44 -18.97 39.49
C GLN A 190 -18.80 -20.12 38.56
N THR A 191 -17.80 -20.84 38.07
CA THR A 191 -18.03 -21.90 37.10
C THR A 191 -18.75 -23.06 37.77
N LEU A 192 -18.27 -23.47 38.95
CA LEU A 192 -18.89 -24.55 39.71
C LEU A 192 -20.35 -24.24 40.03
N GLU A 193 -20.64 -23.01 40.46
CA GLU A 193 -22.01 -22.63 40.77
C GLU A 193 -22.84 -22.64 39.49
N PHE A 194 -22.25 -22.14 38.40
CA PHE A 194 -22.91 -22.17 37.10
C PHE A 194 -23.32 -23.59 36.71
N LEU A 195 -22.41 -24.56 36.85
CA LEU A 195 -22.70 -25.94 36.48
C LEU A 195 -23.73 -26.66 37.38
N GLU A 196 -24.20 -26.08 38.49
CA GLU A 196 -25.13 -26.81 39.36
C GLU A 196 -26.44 -26.04 39.69
N THR A 198 -27.30 -21.15 35.51
CA THR A 198 -27.26 -22.49 36.11
C THR A 198 -27.75 -23.61 35.17
N THR A 199 -26.85 -24.55 34.93
CA THR A 199 -27.11 -25.72 34.11
C THR A 199 -26.88 -26.97 34.96
N GLY A 200 -27.93 -27.73 35.17
CA GLY A 200 -27.83 -29.10 35.67
C GLY A 200 -27.03 -30.00 34.74
N TYR A 201 -25.96 -29.50 34.13
CA TYR A 201 -25.32 -30.22 33.04
C TYR A 201 -23.92 -29.67 32.82
N GLY A 202 -22.95 -30.57 32.66
CA GLY A 202 -21.54 -30.29 32.50
C GLY A 202 -20.74 -30.45 33.79
N LYS A 203 -19.50 -30.90 33.62
CA LYS A 203 -18.60 -31.22 34.72
C LYS A 203 -17.22 -30.65 34.45
N LEU A 204 -16.64 -30.01 35.47
CA LEU A 204 -15.25 -29.57 35.44
C LEU A 204 -14.31 -30.76 35.56
N ALA A 205 -13.35 -30.84 34.63
CA ALA A 205 -12.44 -31.98 34.54
C ALA A 205 -10.99 -31.64 34.85
N THR A 206 -10.53 -30.42 34.55
CA THR A 206 -9.14 -30.04 34.74
C THR A 206 -9.08 -28.57 35.10
N VAL A 207 -8.13 -28.24 35.97
CA VAL A 207 -7.64 -26.88 36.16
C VAL A 207 -6.14 -26.91 35.97
N VAL A 208 -5.61 -26.08 35.08
CA VAL A 208 -4.16 -25.97 34.86
C VAL A 208 -3.84 -24.57 34.35
N GLY A 209 -2.69 -24.03 34.75
CA GLY A 209 -2.36 -22.66 34.41
C GLY A 209 -1.97 -22.51 32.94
N ARG A 210 -2.24 -21.30 32.42
CA ARG A 210 -1.94 -20.96 31.03
C ARG A 210 -0.45 -21.03 30.74
N TYR A 211 0.40 -20.94 31.77
CA TYR A 211 1.83 -21.16 31.60
C TYR A 211 2.08 -22.46 30.85
N TYR A 212 1.29 -23.48 31.15
CA TYR A 212 1.39 -24.79 30.51
C TYR A 212 0.53 -24.88 29.25
N ALA A 213 -0.76 -24.53 29.35
CA ALA A 213 -1.69 -24.76 28.23
C ALA A 213 -1.49 -23.79 27.06
N MET A 214 -1.00 -22.58 27.30
CA MET A 214 -1.12 -21.49 26.34
C MET A 214 0.24 -20.89 25.95
N ASP A 215 1.30 -21.69 26.03
CA ASP A 215 2.62 -21.29 25.55
C ASP A 215 2.56 -20.99 24.06
N ARG A 216 3.32 -19.98 23.62
CA ARG A 216 3.39 -19.69 22.19
C ARG A 216 4.83 -19.65 21.67
N ASP A 217 5.79 -20.16 22.44
CA ASP A 217 7.20 -20.10 22.08
C ASP A 217 7.79 -21.48 21.86
N ASN A 218 6.96 -22.47 21.52
CA ASN A 218 7.42 -23.84 21.24
C ASN A 218 8.12 -24.49 22.43
N ARG A 219 7.71 -24.17 23.65
CA ARG A 219 8.22 -24.87 24.84
C ARG A 219 7.29 -26.04 25.11
N TRP A 220 7.53 -27.11 24.34
CA TRP A 220 6.62 -28.25 24.33
C TRP A 220 6.65 -28.99 25.66
N GLU A 221 7.69 -28.78 26.47
CA GLU A 221 7.67 -29.40 27.78
C GLU A 221 6.61 -28.75 28.67
N ARG A 222 6.22 -27.51 28.39
CA ARG A 222 5.10 -26.92 29.11
C ARG A 222 3.76 -27.43 28.58
N ILE A 223 3.60 -27.43 27.25
CA ILE A 223 2.38 -27.98 26.65
C ILE A 223 2.11 -29.39 27.15
N ASN A 224 3.16 -30.18 27.31
CA ASN A 224 2.96 -31.58 27.70
C ASN A 224 2.28 -31.71 29.06
N VAL A 225 2.52 -30.78 29.98
CA VAL A 225 1.87 -30.87 31.28
C VAL A 225 0.36 -30.80 31.14
N ALA A 226 -0.13 -29.84 30.35
CA ALA A 226 -1.56 -29.72 30.10
C ALA A 226 -2.09 -30.90 29.31
N TYR A 227 -1.32 -31.33 28.33
CA TYR A 227 -1.71 -32.45 27.49
C TYR A 227 -1.90 -33.70 28.36
N GLU A 228 -0.95 -33.95 29.25
CA GLU A 228 -1.02 -35.15 30.09
C GLU A 228 -2.11 -35.04 31.15
N ALA A 229 -2.38 -33.84 31.64
CA ALA A 229 -3.53 -33.65 32.53
C ALA A 229 -4.83 -34.01 31.81
N MET A 230 -4.99 -33.54 30.58
CA MET A 230 -6.22 -33.76 29.83
C MET A 230 -6.35 -35.22 29.36
N ILE A 231 -5.24 -35.85 28.97
CA ILE A 231 -5.29 -37.18 28.36
C ILE A 231 -5.25 -38.29 29.42
N GLY A 232 -4.47 -38.10 30.48
CA GLY A 232 -4.20 -39.16 31.45
C GLY A 232 -4.40 -38.82 32.90
N GLY A 233 -4.90 -37.64 33.21
CA GLY A 233 -5.16 -37.29 34.59
C GLY A 233 -3.90 -37.18 35.43
N VAL A 234 -2.79 -36.74 34.83
CA VAL A 234 -1.54 -36.55 35.56
C VAL A 234 -1.65 -35.22 36.31
N GLY A 235 -1.77 -35.29 37.62
CA GLY A 235 -1.96 -34.12 38.44
C GLY A 235 -2.50 -34.50 39.80
N GLU A 236 -2.97 -33.49 40.52
CA GLU A 236 -3.52 -33.68 41.86
C GLU A 236 -4.99 -33.99 41.76
N THR A 237 -5.40 -35.12 42.34
CA THR A 237 -6.82 -35.49 42.38
C THR A 237 -7.60 -34.58 43.31
N SER A 238 -8.76 -34.14 42.83
CA SER A 238 -9.69 -33.39 43.65
C SER A 238 -11.11 -33.65 43.13
N ASP A 239 -12.05 -32.86 43.65
CA ASP A 239 -13.46 -32.94 43.27
C ASP A 239 -14.06 -31.55 43.46
N GLU A 240 -15.34 -31.43 43.14
CA GLU A 240 -16.00 -30.13 43.22
C GLU A 240 -15.83 -29.53 44.62
N ALA A 241 -15.93 -30.38 45.65
CA ALA A 241 -15.88 -29.93 47.04
C ALA A 241 -14.48 -29.43 47.43
N GLY A 242 -13.44 -29.90 46.74
CA GLY A 242 -12.08 -29.65 47.19
C GLY A 242 -11.24 -28.71 46.35
N VAL A 243 -11.68 -28.34 45.15
CA VAL A 243 -10.75 -27.69 44.22
C VAL A 243 -10.42 -26.29 44.70
N VAL A 244 -11.41 -25.58 45.24
CA VAL A 244 -11.12 -24.26 45.76
C VAL A 244 -10.08 -24.34 46.86
N GLU A 245 -10.20 -25.33 47.75
CA GLU A 245 -9.21 -25.46 48.82
C GLU A 245 -7.82 -25.77 48.26
N VAL A 246 -7.75 -26.62 47.22
CA VAL A 246 -6.47 -26.91 46.58
C VAL A 246 -5.84 -25.63 46.03
N VAL A 247 -6.61 -24.86 45.26
CA VAL A 247 -6.08 -23.64 44.66
C VAL A 247 -5.61 -22.68 45.74
N ARG A 248 -6.44 -22.45 46.76
CA ARG A 248 -6.04 -21.57 47.85
C ARG A 248 -4.71 -22.02 48.44
N LYS A 249 -4.53 -23.33 48.63
CA LYS A 249 -3.26 -23.85 49.12
C LYS A 249 -2.12 -23.52 48.16
N ARG A 250 -2.38 -23.54 46.85
CA ARG A 250 -1.38 -23.10 45.87
C ARG A 250 -1.01 -21.64 46.09
N TYR A 251 -2.02 -20.79 46.27
CA TYR A 251 -1.78 -19.37 46.51
C TYR A 251 -0.89 -19.19 47.73
N ALA A 252 -1.18 -19.89 48.82
CA ALA A 252 -0.37 -19.78 50.03
C ALA A 252 1.08 -20.19 49.80
N ALA A 253 1.34 -21.03 48.80
CA ALA A 253 2.70 -21.43 48.43
C ALA A 253 3.31 -20.58 47.32
N ASP A 254 2.71 -19.41 47.04
CA ASP A 254 3.20 -18.46 46.06
C ASP A 254 3.11 -19.01 44.64
N GLU A 255 2.20 -19.97 44.41
CA GLU A 255 1.87 -20.47 43.08
C GLU A 255 0.52 -19.89 42.63
N THR A 256 0.55 -18.87 41.76
CA THR A 256 -0.66 -18.15 41.38
C THR A 256 -1.33 -18.77 40.15
N ASP A 257 -2.41 -18.13 39.68
CA ASP A 257 -3.28 -18.69 38.64
C ASP A 257 -2.50 -19.09 37.40
N GLU A 258 -1.61 -18.22 36.95
CA GLU A 258 -0.92 -18.45 35.68
C GLU A 258 -0.10 -19.73 35.74
N PHE A 259 0.35 -20.13 36.93
CA PHE A 259 1.31 -21.22 37.08
C PHE A 259 0.73 -22.45 37.74
N LEU A 260 -0.59 -22.57 37.83
CA LEU A 260 -1.20 -23.70 38.51
C LEU A 260 -0.81 -25.01 37.85
N LYS A 261 -0.22 -25.92 38.62
CA LYS A 261 0.02 -27.27 38.15
C LYS A 261 -1.30 -28.05 38.15
N PRO A 262 -1.41 -29.08 37.31
CA PRO A 262 -2.72 -29.66 37.00
C PRO A 262 -3.50 -30.18 38.21
N ILE A 263 -4.80 -29.90 38.21
CA ILE A 263 -5.75 -30.49 39.15
C ILE A 263 -6.76 -31.30 38.35
N ILE A 264 -7.02 -32.53 38.80
CA ILE A 264 -7.74 -33.53 38.02
C ILE A 264 -9.05 -33.88 38.72
N LEU A 265 -10.17 -33.69 38.03
CA LEU A 265 -11.46 -34.10 38.56
C LEU A 265 -12.12 -35.10 37.63
N GLN A 266 -13.04 -35.88 38.20
CA GLN A 266 -13.84 -36.88 37.51
C GLN A 266 -13.03 -38.12 37.12
N GLY A 267 -11.72 -38.13 37.37
CA GLY A 267 -10.92 -39.28 36.99
C GLY A 267 -10.94 -39.51 35.49
N GLU A 268 -10.88 -40.80 35.12
CA GLU A 268 -10.75 -41.15 33.70
C GLU A 268 -11.96 -40.66 32.91
N LYS A 269 -13.16 -40.64 33.51
CA LYS A 269 -14.32 -40.26 32.71
C LYS A 269 -14.20 -38.82 32.23
N GLY A 270 -13.44 -37.99 32.95
CA GLY A 270 -13.21 -36.61 32.54
C GLY A 270 -12.06 -36.41 31.56
N ARG A 271 -11.30 -37.45 31.27
CA ARG A 271 -10.20 -37.37 30.33
C ARG A 271 -10.66 -37.32 28.88
N VAL A 272 -9.77 -36.79 28.05
CA VAL A 272 -9.92 -36.79 26.61
C VAL A 272 -9.53 -38.19 26.14
N GLN A 273 -10.49 -38.95 25.66
CA GLN A 273 -10.31 -40.36 25.34
C GLN A 273 -10.44 -40.56 23.84
N ASN A 274 -10.12 -41.79 23.42
CA ASN A 274 -10.36 -42.21 22.04
C ASN A 274 -11.76 -41.81 21.61
N ASP A 275 -11.87 -41.25 20.41
CA ASP A 275 -13.15 -40.96 19.77
C ASP A 275 -13.82 -39.73 20.39
N ASP A 276 -13.21 -39.07 21.36
CA ASP A 276 -13.86 -37.90 21.94
C ASP A 276 -13.81 -36.74 20.94
N THR A 277 -14.61 -35.72 21.23
CA THR A 277 -14.68 -34.53 20.40
C THR A 277 -14.32 -33.36 21.32
N ILE A 278 -13.60 -32.37 20.79
CA ILE A 278 -13.10 -31.30 21.64
C ILE A 278 -13.25 -29.97 20.93
N ILE A 279 -13.77 -28.98 21.65
CA ILE A 279 -13.93 -27.59 21.19
C ILE A 279 -13.04 -26.70 22.06
N PHE A 280 -12.15 -25.94 21.41
CA PHE A 280 -11.44 -24.87 22.08
C PHE A 280 -12.21 -23.56 21.91
N PHE A 281 -12.44 -22.81 22.99
CA PHE A 281 -13.30 -21.63 22.91
C PHE A 281 -12.56 -20.27 22.85
N ASP A 282 -11.24 -20.24 22.96
CA ASP A 282 -10.49 -19.00 22.77
C ASP A 282 -10.64 -18.52 21.32
N TYR A 283 -10.84 -17.21 21.12
CA TYR A 283 -10.93 -16.70 19.74
C TYR A 283 -9.61 -16.16 19.19
N ARG A 284 -8.59 -16.01 20.04
CA ARG A 284 -7.26 -15.54 19.65
C ARG A 284 -6.34 -16.73 19.39
N ALA A 285 -5.78 -16.77 18.18
CA ALA A 285 -5.11 -17.97 17.67
C ALA A 285 -3.72 -18.18 18.25
N ASP A 286 -3.00 -17.12 18.60
CA ASP A 286 -1.56 -17.30 18.78
C ASP A 286 -1.26 -18.27 19.93
N ARG A 287 -2.02 -18.19 21.03
CA ARG A 287 -1.76 -19.09 22.14
C ARG A 287 -2.60 -20.36 22.12
N MET A 288 -3.38 -20.60 21.07
CA MET A 288 -4.08 -21.88 20.94
C MET A 288 -3.42 -22.84 19.96
N ARG A 289 -2.47 -22.38 19.16
CA ARG A 289 -1.94 -23.21 18.07
C ARG A 289 -1.27 -24.45 18.63
N GLU A 290 -0.54 -24.32 19.73
CA GLU A 290 0.25 -25.45 20.22
C GLU A 290 -0.64 -26.53 20.85
N ILE A 291 -1.50 -26.17 21.82
CA ILE A 291 -2.30 -27.22 22.46
C ILE A 291 -3.24 -27.87 21.45
N SER A 292 -3.82 -27.07 20.54
CA SER A 292 -4.75 -27.66 19.58
C SER A 292 -4.01 -28.52 18.58
N ALA A 293 -2.79 -28.13 18.20
CA ALA A 293 -2.04 -28.98 17.28
C ALA A 293 -1.57 -30.25 17.97
N ALA A 294 -1.25 -30.17 19.26
CA ALA A 294 -0.94 -31.37 20.06
C ALA A 294 -2.12 -32.34 20.05
N MET A 295 -3.35 -31.83 20.15
CA MET A 295 -4.51 -32.73 20.20
C MET A 295 -4.92 -33.22 18.81
N GLY A 296 -4.91 -32.36 17.80
CA GLY A 296 -5.57 -32.66 16.55
C GLY A 296 -4.67 -32.89 15.35
N MET A 297 -3.36 -32.86 15.57
CA MET A 297 -2.38 -33.18 14.55
C MET A 297 -1.21 -33.94 15.14
N ASP A 298 0.01 -33.66 14.68
CA ASP A 298 1.17 -34.48 15.00
C ASP A 298 2.07 -33.91 16.08
N ARG A 299 1.72 -32.74 16.68
CA ARG A 299 2.65 -32.19 17.66
C ARG A 299 2.61 -32.94 18.98
N TYR A 300 1.76 -33.94 19.12
CA TYR A 300 1.86 -34.78 20.29
C TYR A 300 3.23 -35.44 20.34
N LYS A 301 3.82 -35.73 19.17
CA LYS A 301 5.20 -36.25 19.14
C LYS A 301 6.16 -35.32 19.86
N ASP A 302 6.03 -34.00 19.69
CA ASP A 302 6.94 -33.05 20.31
C ASP A 302 6.81 -33.05 21.83
N CYS A 303 5.64 -33.42 22.36
CA CYS A 303 5.48 -33.46 23.80
C CYS A 303 6.25 -34.57 24.50
N ASN A 304 6.64 -35.67 23.81
CA ASN A 304 7.50 -36.65 24.49
C ASN A 304 6.80 -37.14 25.76
N SER A 305 5.53 -37.45 25.61
CA SER A 305 4.70 -37.81 26.76
C SER A 305 4.80 -39.28 27.04
N LYS A 306 4.60 -39.63 28.31
CA LYS A 306 4.55 -41.05 28.57
C LYS A 306 3.24 -41.68 28.17
N LEU A 307 2.22 -40.86 27.93
CA LEU A 307 0.91 -41.33 27.50
C LEU A 307 0.84 -41.55 25.98
N ALA A 308 0.14 -42.60 25.58
CA ALA A 308 -0.21 -42.86 24.18
C ALA A 308 -1.15 -41.78 23.67
N HIS A 309 -0.93 -41.31 22.44
CA HIS A 309 -1.87 -40.32 21.88
C HIS A 309 -3.18 -40.99 21.45
N PRO A 310 -4.33 -40.42 21.86
CA PRO A 310 -5.64 -40.99 21.53
C PRO A 310 -5.97 -41.02 20.05
N SER A 311 -6.68 -42.08 19.64
CA SER A 311 -7.06 -42.19 18.24
C SER A 311 -8.42 -41.55 17.99
N ASN A 312 -8.58 -41.05 16.77
CA ASN A 312 -9.87 -40.61 16.22
C ASN A 312 -10.46 -39.44 17.01
N LEU A 313 -9.61 -38.52 17.46
CA LEU A 313 -10.10 -37.27 18.02
C LEU A 313 -10.48 -36.33 16.90
N GLN A 314 -11.47 -35.46 17.18
CA GLN A 314 -11.80 -34.34 16.31
C GLN A 314 -11.73 -33.02 17.09
N VAL A 315 -11.06 -32.04 16.51
CA VAL A 315 -10.82 -30.74 17.16
C VAL A 315 -11.59 -29.66 16.40
N TYR A 316 -12.29 -28.81 17.15
CA TYR A 316 -12.93 -27.62 16.64
C TYR A 316 -12.33 -26.40 17.35
N GLY A 317 -12.26 -25.29 16.62
CA GLY A 317 -11.82 -24.03 17.20
C GLY A 317 -12.90 -22.98 17.16
N MET A 318 -12.84 -22.03 18.10
CA MET A 318 -13.73 -20.89 18.03
C MET A 318 -13.54 -20.15 16.72
N THR A 319 -12.27 -19.97 16.33
CA THR A 319 -11.92 -19.36 15.05
C THR A 319 -10.83 -20.21 14.43
N GLN A 320 -10.40 -19.81 13.23
CA GLN A 320 -9.32 -20.51 12.57
C GLN A 320 -8.01 -20.13 13.28
N TYR A 321 -7.27 -21.11 13.76
CA TYR A 321 -6.00 -20.93 14.46
C TYR A 321 -4.76 -20.97 13.54
N LYS A 322 -4.78 -21.80 12.50
CA LYS A 322 -3.74 -21.81 11.46
C LYS A 322 -4.39 -22.37 10.19
N ALA A 323 -4.11 -21.76 9.04
CA ALA A 323 -4.66 -22.25 7.78
C ALA A 323 -4.27 -23.71 7.51
N GLU A 324 -3.09 -24.12 7.93
CA GLU A 324 -2.66 -25.50 7.73
C GLU A 324 -3.44 -26.50 8.58
N PHE A 325 -4.41 -26.02 9.52
CA PHE A 325 -5.12 -27.01 10.33
C PHE A 325 -6.39 -27.50 9.62
N PRO A 326 -6.72 -28.79 9.76
CA PRO A 326 -7.97 -29.32 9.21
C PRO A 326 -9.19 -28.99 10.05
N PHE A 327 -9.02 -28.21 11.12
CA PHE A 327 -10.09 -28.06 12.09
C PHE A 327 -11.22 -27.21 11.53
N LYS A 328 -12.45 -27.66 11.74
CA LYS A 328 -13.57 -26.79 11.50
C LYS A 328 -13.59 -25.73 12.58
N SER A 329 -14.19 -24.59 12.25
CA SER A 329 -14.24 -23.44 13.13
C SER A 329 -15.67 -23.00 13.32
N LEU A 330 -16.02 -22.61 14.56
CA LEU A 330 -17.35 -22.10 14.78
C LEU A 330 -17.55 -20.80 14.00
N PHE A 331 -16.51 -20.00 13.88
CA PHE A 331 -16.58 -18.73 13.15
C PHE A 331 -15.40 -18.62 12.20
N PRO A 332 -15.49 -19.26 11.03
CA PRO A 332 -14.41 -19.21 10.03
C PRO A 332 -14.29 -17.85 9.37
N PRO A 333 -13.20 -17.57 8.66
CA PRO A 333 -13.03 -16.24 8.06
C PRO A 333 -14.17 -15.96 7.09
N ALA A 334 -14.64 -14.72 7.09
CA ALA A 334 -15.58 -14.26 6.07
C ALA A 334 -15.16 -14.58 4.64
N SER A 335 -16.08 -15.21 3.91
CA SER A 335 -15.86 -15.55 2.51
C SER A 335 -15.77 -14.30 1.63
N ASN A 336 -16.63 -13.30 1.91
CA ASN A 336 -16.68 -11.99 1.22
C ASN A 336 -16.91 -12.12 -0.29
N LYS A 337 -17.87 -12.97 -0.66
CA LYS A 337 -18.24 -13.16 -2.04
C LYS A 337 -19.05 -11.99 -2.57
N ASN A 338 -18.81 -11.64 -3.83
CA ASN A 338 -19.60 -10.61 -4.52
C ASN A 338 -19.51 -9.25 -3.83
N VAL A 339 -18.31 -8.86 -3.44
CA VAL A 339 -18.03 -7.46 -3.17
C VAL A 339 -18.30 -6.64 -4.45
N LEU A 340 -18.32 -5.31 -4.34
CA LEU A 340 -18.71 -4.51 -5.50
C LEU A 340 -17.84 -4.81 -6.72
N ALA A 341 -16.53 -4.96 -6.53
CA ALA A 341 -15.64 -5.16 -7.68
C ALA A 341 -15.91 -6.50 -8.36
N GLU A 342 -16.12 -7.55 -7.57
CA GLU A 342 -16.47 -8.84 -8.15
C GLU A 342 -17.85 -8.78 -8.82
N TRP A 343 -18.80 -8.09 -8.19
CA TRP A 343 -20.16 -8.09 -8.74
C TRP A 343 -20.21 -7.33 -10.07
N LEU A 344 -19.56 -6.17 -10.12
CA LEU A 344 -19.47 -5.44 -11.39
C LEU A 344 -18.87 -6.31 -12.46
N ALA A 345 -17.79 -7.02 -12.14
CA ALA A 345 -17.22 -7.90 -13.16
C ALA A 345 -18.22 -8.99 -13.56
N GLU A 346 -18.97 -9.54 -12.60
CA GLU A 346 -19.96 -10.56 -12.91
C GLU A 346 -21.07 -10.03 -13.80
N GLN A 347 -21.42 -8.74 -13.68
CA GLN A 347 -22.41 -8.11 -14.54
C GLN A 347 -21.83 -7.61 -15.85
N LYS A 348 -20.54 -7.87 -16.09
CA LYS A 348 -19.87 -7.46 -17.33
C LYS A 348 -19.85 -5.94 -17.46
N VAL A 349 -19.59 -5.26 -16.33
CA VAL A 349 -19.42 -3.82 -16.27
C VAL A 349 -17.97 -3.53 -15.85
N SER A 350 -17.28 -2.67 -16.59
CA SER A 350 -15.90 -2.36 -16.25
C SER A 350 -15.84 -1.29 -15.16
N GLN A 351 -14.63 -1.12 -14.61
CA GLN A 351 -14.45 -0.27 -13.44
C GLN A 351 -13.01 0.23 -13.36
N PHE A 352 -12.81 1.30 -12.60
CA PHE A 352 -11.51 1.96 -12.47
C PHE A 352 -11.26 2.29 -11.01
N HIS A 353 -10.10 1.90 -10.48
CA HIS A 353 -9.68 2.20 -9.11
C HIS A 353 -8.37 2.97 -9.12
N CYS A 354 -8.35 4.12 -8.42
CA CYS A 354 -7.18 4.98 -8.42
C CYS A 354 -6.83 5.47 -7.03
N ALA A 355 -5.53 5.45 -6.71
CA ALA A 355 -5.09 6.04 -5.46
C ALA A 355 -3.62 6.42 -5.59
N GLU A 356 -3.15 7.25 -4.65
CA GLU A 356 -1.71 7.43 -4.48
C GLU A 356 -1.15 6.38 -3.51
N THR A 357 0.19 6.29 -3.48
CA THR A 357 0.88 5.15 -2.87
C THR A 357 0.37 4.82 -1.47
N GLU A 358 0.27 5.84 -0.60
CA GLU A 358 -0.06 5.60 0.80
C GLU A 358 -1.40 4.92 0.99
N LYS A 359 -2.30 5.01 0.02
CA LYS A 359 -3.61 4.42 0.11
C LYS A 359 -3.87 3.46 -1.04
N TYR A 360 -2.82 3.06 -1.76
CA TYR A 360 -3.06 2.22 -2.91
C TYR A 360 -3.59 0.84 -2.50
N ALA A 361 -3.01 0.25 -1.46
CA ALA A 361 -3.55 -1.01 -0.95
C ALA A 361 -5.02 -0.87 -0.59
N HIS A 362 -5.41 0.28 -0.06
CA HIS A 362 -6.77 0.44 0.43
C HIS A 362 -7.79 0.43 -0.71
N VAL A 363 -7.43 0.98 -1.89
CA VAL A 363 -8.35 0.98 -3.03
C VAL A 363 -8.25 -0.31 -3.84
N THR A 364 -7.33 -1.22 -3.46
CA THR A 364 -7.17 -2.51 -4.14
C THR A 364 -7.45 -3.70 -3.24
N PHE A 365 -6.42 -4.13 -2.49
CA PHE A 365 -6.54 -5.31 -1.63
C PHE A 365 -7.78 -5.24 -0.74
N PHE A 366 -7.97 -4.10 -0.06
CA PHE A 366 -9.00 -3.95 0.96
C PHE A 366 -10.37 -3.65 0.35
N PHE A 367 -10.43 -2.70 -0.60
CA PHE A 367 -11.68 -2.40 -1.27
C PHE A 367 -12.29 -3.66 -1.89
N ASN A 368 -11.46 -4.53 -2.44
CA ASN A 368 -11.97 -5.73 -3.10
C ASN A 368 -12.28 -6.89 -2.14
N GLY A 369 -12.21 -6.70 -0.82
CA GLY A 369 -12.68 -7.72 0.07
C GLY A 369 -11.60 -8.31 0.93
N GLY A 370 -10.41 -7.74 0.87
CA GLY A 370 -9.33 -8.24 1.69
C GLY A 370 -8.57 -9.38 1.05
N LEU A 371 -8.30 -9.33 -0.26
CA LEU A 371 -7.53 -10.38 -0.92
C LEU A 371 -6.84 -9.82 -2.16
N GLU A 372 -5.87 -10.59 -2.68
CA GLU A 372 -5.14 -10.20 -3.88
C GLU A 372 -5.81 -10.85 -5.09
N LYS A 373 -6.69 -10.08 -5.72
CA LYS A 373 -7.44 -10.52 -6.89
C LYS A 373 -7.86 -9.29 -7.66
N GLN A 374 -7.62 -9.28 -8.95
CA GLN A 374 -8.05 -8.19 -9.81
C GLN A 374 -9.09 -8.78 -10.75
N PHE A 375 -10.28 -8.20 -10.74
CA PHE A 375 -11.38 -8.81 -11.47
C PHE A 375 -11.35 -8.34 -12.91
N GLU A 376 -11.97 -9.15 -13.76
CA GLU A 376 -12.06 -8.83 -15.17
C GLU A 376 -12.73 -7.47 -15.37
N GLY A 377 -12.13 -6.66 -16.24
CA GLY A 377 -12.59 -5.32 -16.50
C GLY A 377 -12.10 -4.25 -15.54
N GLU A 378 -11.41 -4.63 -14.46
CA GLU A 378 -10.94 -3.65 -13.47
C GLU A 378 -9.59 -3.07 -13.91
N GLU A 379 -9.53 -1.76 -14.07
CA GLU A 379 -8.29 -1.06 -14.37
C GLU A 379 -7.84 -0.32 -13.11
N ARG A 380 -6.55 -0.37 -12.81
CA ARG A 380 -6.01 0.20 -11.59
C ARG A 380 -4.95 1.25 -11.94
N CYS A 381 -4.81 2.25 -11.07
CA CYS A 381 -3.88 3.35 -11.29
C CYS A 381 -3.27 3.79 -9.96
N LEU A 382 -1.94 3.73 -9.86
CA LEU A 382 -1.19 4.18 -8.70
C LEU A 382 -0.50 5.49 -9.06
N VAL A 383 -0.69 6.51 -8.23
CA VAL A 383 -0.05 7.81 -8.37
C VAL A 383 1.03 7.93 -7.30
N PRO A 384 2.29 8.21 -7.67
CA PRO A 384 3.34 8.30 -6.65
C PRO A 384 3.05 9.42 -5.65
N SER A 385 3.17 9.09 -4.37
CA SER A 385 3.15 10.11 -3.34
C SER A 385 4.45 10.90 -3.34
N PRO A 386 4.42 12.14 -2.84
CA PRO A 386 5.64 12.97 -2.84
C PRO A 386 6.69 12.41 -1.91
N LYS A 387 7.95 12.60 -2.29
CA LYS A 387 9.07 12.12 -1.51
C LYS A 387 9.53 13.22 -0.56
N VAL A 388 8.86 13.29 0.60
CA VAL A 388 9.19 14.23 1.66
C VAL A 388 9.29 13.44 2.97
N ALA A 389 10.04 13.99 3.91
CA ALA A 389 10.26 13.30 5.18
C ALA A 389 8.93 13.04 5.90
N THR A 390 8.13 14.09 6.03
CA THR A 390 6.80 14.01 6.62
C THR A 390 5.88 14.85 5.74
N TYR A 391 4.59 14.49 5.73
CA TYR A 391 3.70 15.09 4.73
C TYR A 391 3.22 16.49 5.07
N ASP A 392 3.44 16.98 6.30
CA ASP A 392 3.17 18.40 6.57
C ASP A 392 4.07 19.31 5.74
N LEU A 393 5.17 18.79 5.19
CA LEU A 393 6.03 19.60 4.32
C LEU A 393 5.47 19.72 2.91
N GLN A 394 4.53 18.84 2.51
CA GLN A 394 3.77 18.99 1.26
C GLN A 394 2.33 18.53 1.49
N PRO A 395 1.53 19.34 2.18
CA PRO A 395 0.19 18.89 2.60
C PRO A 395 -0.76 18.59 1.45
N GLU A 396 -0.54 19.14 0.25
CA GLU A 396 -1.40 18.78 -0.88
C GLU A 396 -1.13 17.36 -1.37
N MET A 397 -0.07 16.72 -0.88
CA MET A 397 0.39 15.42 -1.36
C MET A 397 0.26 15.26 -2.88
N SER A 398 -0.42 14.21 -3.35
CA SER A 398 -0.59 14.00 -4.78
C SER A 398 -2.06 14.05 -5.18
N ALA A 399 -2.86 14.83 -4.45
CA ALA A 399 -4.29 14.86 -4.76
C ALA A 399 -4.53 15.32 -6.19
N ALA A 400 -3.71 16.28 -6.65
CA ALA A 400 -3.89 16.80 -8.01
C ALA A 400 -3.65 15.71 -9.05
N GLY A 401 -2.64 14.84 -8.84
CA GLY A 401 -2.38 13.76 -9.80
C GLY A 401 -3.49 12.74 -9.86
N VAL A 402 -4.02 12.36 -8.68
CA VAL A 402 -5.16 11.46 -8.64
C VAL A 402 -6.31 12.08 -9.42
N ALA A 403 -6.55 13.37 -9.20
CA ALA A 403 -7.62 14.04 -9.92
C ALA A 403 -7.34 14.06 -11.42
N ASP A 404 -6.09 14.31 -11.83
CA ASP A 404 -5.77 14.29 -13.26
C ASP A 404 -6.14 12.95 -13.87
N LYS A 405 -5.83 11.85 -13.18
CA LYS A 405 -6.13 10.53 -13.74
C LYS A 405 -7.64 10.28 -13.78
N MET A 406 -8.38 10.72 -12.74
CA MET A 406 -9.84 10.53 -12.79
C MET A 406 -10.45 11.35 -13.90
N ILE A 407 -9.96 12.57 -14.12
CA ILE A 407 -10.52 13.40 -15.18
C ILE A 407 -10.24 12.74 -16.54
N GLU A 408 -9.07 12.09 -16.68
CA GLU A 408 -8.77 11.42 -17.94
C GLU A 408 -9.74 10.27 -18.18
N GLN A 409 -10.09 9.54 -17.11
CA GLN A 409 -11.08 8.48 -17.26
C GLN A 409 -12.48 9.03 -17.54
N LEU A 410 -12.85 10.16 -16.93
CA LEU A 410 -14.16 10.74 -17.20
C LEU A 410 -14.29 11.22 -18.64
N GLU A 411 -13.22 11.83 -19.19
CA GLU A 411 -13.26 12.24 -20.59
C GLU A 411 -13.32 11.02 -21.50
N ALA A 412 -12.61 9.94 -21.15
CA ALA A 412 -12.66 8.75 -22.00
C ALA A 412 -14.03 8.11 -21.95
N GLY A 413 -14.68 8.14 -20.79
CA GLY A 413 -15.98 7.52 -20.64
C GLY A 413 -15.99 6.01 -20.69
N THR A 414 -14.82 5.37 -20.61
CA THR A 414 -14.75 3.92 -20.83
C THR A 414 -15.46 3.11 -19.74
N HIS A 415 -15.33 3.53 -18.47
CA HIS A 415 -15.71 2.66 -17.37
C HIS A 415 -16.95 3.22 -16.70
N PRO A 416 -18.04 2.47 -16.62
CA PRO A 416 -19.26 3.03 -16.00
C PRO A 416 -19.13 3.24 -14.51
N PHE A 417 -18.15 2.63 -13.85
CA PHE A 417 -17.89 2.87 -12.43
C PHE A 417 -16.42 3.18 -12.25
N ILE A 418 -16.13 4.37 -11.73
CA ILE A 418 -14.76 4.75 -11.37
C ILE A 418 -14.74 5.25 -9.94
N MET A 419 -13.62 5.01 -9.24
CA MET A 419 -13.47 5.43 -7.86
C MET A 419 -12.01 5.78 -7.58
N CYS A 420 -11.82 6.72 -6.63
CA CYS A 420 -10.47 7.08 -6.21
C CYS A 420 -10.46 7.33 -4.71
N ASN A 421 -9.25 7.42 -4.16
CA ASN A 421 -9.05 7.84 -2.77
C ASN A 421 -8.26 9.15 -2.77
N PHE A 422 -8.58 10.04 -1.83
CA PHE A 422 -7.78 11.24 -1.58
C PHE A 422 -7.14 11.14 -0.19
N ALA A 423 -5.82 11.05 -0.15
CA ALA A 423 -5.02 10.77 1.05
C ALA A 423 -4.81 11.94 2.02
N PRO A 424 -4.74 13.18 1.56
CA PRO A 424 -4.18 14.26 2.40
C PRO A 424 -4.82 14.39 3.77
N PRO A 425 -6.15 14.46 3.88
CA PRO A 425 -6.72 14.72 5.23
C PRO A 425 -6.27 13.72 6.30
N ASP A 426 -6.21 12.42 5.99
CA ASP A 426 -5.76 11.45 6.99
C ASP A 426 -4.25 11.54 7.23
N MET A 427 -3.44 11.57 6.16
CA MET A 427 -2.00 11.42 6.34
C MET A 427 -1.40 12.70 6.93
N VAL A 428 -1.91 13.85 6.53
CA VAL A 428 -1.47 15.10 7.15
C VAL A 428 -2.08 15.24 8.54
N GLY A 429 -3.32 14.76 8.72
CA GLY A 429 -3.93 14.77 10.03
C GLY A 429 -3.08 14.07 11.08
N HIS A 430 -2.44 12.96 10.70
CA HIS A 430 -1.57 12.22 11.61
C HIS A 430 -0.32 13.01 12.05
N THR A 431 0.08 14.06 11.33
CA THR A 431 1.21 14.90 11.77
C THR A 431 0.83 15.83 12.93
N GLY A 432 -0.45 16.05 13.16
CA GLY A 432 -0.93 16.98 14.20
C GLY A 432 -0.73 18.45 13.94
N VAL A 433 -0.26 18.85 12.76
CA VAL A 433 0.00 20.25 12.43
C VAL A 433 -1.28 20.86 11.87
N TYR A 434 -1.90 21.74 12.64
CA TYR A 434 -3.23 22.23 12.27
C TYR A 434 -3.20 22.94 10.92
N GLU A 435 -2.25 23.86 10.71
CA GLU A 435 -2.24 24.64 9.47
C GLU A 435 -1.96 23.76 8.27
N ALA A 436 -1.11 22.76 8.45
CA ALA A 436 -0.88 21.81 7.37
C ALA A 436 -2.14 21.01 7.07
N ALA A 437 -2.89 20.61 8.11
CA ALA A 437 -4.14 19.90 7.90
C ALA A 437 -5.15 20.76 7.14
N VAL A 438 -5.18 22.05 7.46
CA VAL A 438 -6.03 23.00 6.75
C VAL A 438 -5.66 23.03 5.27
N LYS A 439 -4.34 23.13 4.98
CA LYS A 439 -3.90 23.15 3.58
C LYS A 439 -4.26 21.85 2.88
N ALA A 440 -4.12 20.73 3.57
CA ALA A 440 -4.52 19.44 3.03
C ALA A 440 -5.99 19.44 2.63
N CYS A 441 -6.85 19.96 3.51
CA CYS A 441 -8.27 19.99 3.20
C CYS A 441 -8.61 20.97 2.08
N GLU A 442 -7.88 22.09 1.97
CA GLU A 442 -8.15 23.01 0.87
C GLU A 442 -7.77 22.37 -0.45
N ALA A 443 -6.61 21.70 -0.49
CA ALA A 443 -6.18 21.03 -1.72
C ALA A 443 -7.14 19.91 -2.10
N THR A 444 -7.61 19.15 -1.11
CA THR A 444 -8.57 18.10 -1.36
C THR A 444 -9.86 18.68 -1.96
N ASP A 445 -10.36 19.78 -1.38
CA ASP A 445 -11.57 20.38 -1.91
C ASP A 445 -11.37 20.86 -3.35
N ILE A 446 -10.21 21.45 -3.66
CA ILE A 446 -9.95 21.87 -5.04
C ILE A 446 -9.99 20.69 -6.00
N ALA A 447 -9.32 19.58 -5.62
CA ALA A 447 -9.31 18.42 -6.50
C ALA A 447 -10.72 17.91 -6.71
N ILE A 448 -11.51 17.86 -5.63
CA ILE A 448 -12.90 17.45 -5.76
C ILE A 448 -13.62 18.38 -6.74
N GLY A 449 -13.41 19.69 -6.63
CA GLY A 449 -14.07 20.61 -7.57
C GLY A 449 -13.73 20.32 -9.02
N ARG A 450 -12.47 20.01 -9.31
CA ARG A 450 -12.08 19.70 -10.67
C ARG A 450 -12.74 18.41 -11.18
N ILE A 451 -12.84 17.42 -10.30
CA ILE A 451 -13.53 16.18 -10.67
C ILE A 451 -15.01 16.47 -10.91
N TYR A 452 -15.63 17.24 -10.02
CA TYR A 452 -17.06 17.53 -10.14
C TYR A 452 -17.32 18.17 -11.49
N GLU A 453 -16.50 19.13 -11.88
CA GLU A 453 -16.69 19.80 -13.17
C GLU A 453 -16.57 18.78 -14.31
N ALA A 454 -15.64 17.82 -14.18
CA ALA A 454 -15.52 16.82 -15.23
C ALA A 454 -16.74 15.89 -15.28
N THR A 455 -17.28 15.51 -14.12
CA THR A 455 -18.45 14.64 -14.14
C THR A 455 -19.65 15.34 -14.76
N GLN A 456 -19.79 16.64 -14.54
CA GLN A 456 -20.91 17.35 -15.16
C GLN A 456 -20.70 17.49 -16.67
N LYS A 457 -19.46 17.68 -17.13
CA LYS A 457 -19.26 17.78 -18.58
C LYS A 457 -19.52 16.45 -19.27
N HIS A 458 -19.16 15.33 -18.63
CA HIS A 458 -19.12 14.03 -19.29
C HIS A 458 -20.21 13.05 -18.83
N GLY A 459 -21.22 13.51 -18.08
CA GLY A 459 -22.39 12.68 -17.84
C GLY A 459 -22.23 11.60 -16.80
N TYR A 460 -21.50 11.89 -15.73
CA TYR A 460 -21.41 11.02 -14.58
C TYR A 460 -22.11 11.66 -13.39
N SER A 461 -22.64 10.80 -12.53
CA SER A 461 -23.10 11.18 -11.21
C SER A 461 -21.93 11.07 -10.25
N LEU A 462 -21.81 12.07 -9.37
CA LEU A 462 -20.72 12.14 -8.41
C LEU A 462 -21.26 11.77 -7.04
N MET A 463 -20.56 10.87 -6.35
CA MET A 463 -20.81 10.57 -4.95
C MET A 463 -19.51 10.74 -4.19
N VAL A 464 -19.55 11.49 -3.09
CA VAL A 464 -18.38 11.71 -2.25
C VAL A 464 -18.70 11.12 -0.88
N THR A 465 -17.76 10.33 -0.34
CA THR A 465 -17.86 9.81 1.02
C THR A 465 -16.45 9.85 1.62
N ALA A 466 -16.29 9.27 2.80
CA ALA A 466 -14.99 9.09 3.42
C ALA A 466 -14.98 7.76 4.18
N ASP A 467 -13.78 7.30 4.53
CA ASP A 467 -13.63 6.01 5.19
C ASP A 467 -13.65 6.13 6.71
N HIS A 468 -13.50 7.35 7.23
CA HIS A 468 -13.48 7.64 8.66
C HIS A 468 -13.03 9.09 8.83
N GLY A 469 -13.18 9.65 10.02
CA GLY A 469 -12.70 11.00 10.29
C GLY A 469 -11.27 11.08 10.78
N ASN A 470 -10.75 12.32 10.78
CA ASN A 470 -9.43 12.64 11.33
C ASN A 470 -9.27 14.15 11.46
N ALA A 471 -9.23 14.83 10.32
CA ALA A 471 -8.82 16.22 10.26
C ALA A 471 -9.82 17.16 10.92
N GLU A 472 -11.06 16.72 11.19
CA GLU A 472 -12.01 17.59 11.87
C GLU A 472 -11.68 17.75 13.36
N LYS A 473 -10.68 17.03 13.86
CA LYS A 473 -10.26 17.11 15.27
C LYS A 473 -8.73 17.04 15.32
N MET A 474 -8.08 18.20 15.18
CA MET A 474 -6.62 18.28 15.18
C MET A 474 -6.03 18.66 16.54
N LYS A 475 -6.83 19.09 17.50
CA LYS A 475 -6.31 19.55 18.79
C LYS A 475 -7.10 18.86 19.88
N ALA A 476 -6.37 18.34 20.88
CA ALA A 476 -6.95 17.87 22.11
C ALA A 476 -7.41 19.04 22.98
N PRO A 477 -8.21 18.77 24.01
CA PRO A 477 -8.73 19.88 24.82
C PRO A 477 -7.63 20.71 25.49
N ASP A 478 -6.48 20.10 25.80
CA ASP A 478 -5.39 20.86 26.44
C ASP A 478 -4.60 21.72 25.45
N GLY A 479 -5.03 21.78 24.19
CA GLY A 479 -4.31 22.53 23.18
C GLY A 479 -3.26 21.72 22.42
N GLY A 480 -2.96 20.51 22.88
CA GLY A 480 -1.98 19.65 22.26
C GLY A 480 -2.47 19.05 20.95
N LYS A 481 -1.54 18.41 20.25
CA LYS A 481 -1.85 17.82 18.95
C LYS A 481 -2.75 16.59 19.13
N HIS A 482 -3.72 16.43 18.23
CA HIS A 482 -4.54 15.22 18.15
C HIS A 482 -4.25 14.55 16.80
N THR A 483 -3.61 13.39 16.85
CA THR A 483 -3.13 12.70 15.65
C THR A 483 -3.92 11.47 15.25
N ALA A 484 -5.08 11.23 15.86
CA ALA A 484 -5.78 9.96 15.68
C ALA A 484 -7.05 10.17 14.87
N HIS A 485 -7.58 9.06 14.37
CA HIS A 485 -8.91 9.04 13.81
C HIS A 485 -9.95 9.39 14.88
N THR A 486 -11.20 9.54 14.44
CA THR A 486 -12.29 9.96 15.29
C THR A 486 -13.48 9.03 15.10
N CYS A 487 -14.55 9.29 15.85
CA CYS A 487 -15.78 8.53 15.71
C CYS A 487 -16.89 9.35 15.06
N TYR A 488 -16.56 10.49 14.46
CA TYR A 488 -17.59 11.29 13.82
C TYR A 488 -18.12 10.59 12.58
N ARG A 489 -19.32 11.00 12.17
CA ARG A 489 -19.89 10.53 10.92
C ARG A 489 -19.12 11.08 9.73
N VAL A 490 -19.34 10.48 8.57
CA VAL A 490 -18.72 10.93 7.34
C VAL A 490 -19.83 11.30 6.37
N PRO A 491 -19.54 12.12 5.39
CA PRO A 491 -20.55 12.50 4.40
C PRO A 491 -20.80 11.39 3.38
N LEU A 492 -21.97 11.46 2.76
CA LEU A 492 -22.28 10.80 1.49
C LEU A 492 -23.08 11.79 0.64
N THR A 493 -22.53 12.20 -0.50
CA THR A 493 -23.18 13.17 -1.38
C THR A 493 -23.63 12.51 -2.68
N LEU A 494 -24.51 13.20 -3.40
CA LEU A 494 -24.98 12.69 -4.69
C LEU A 494 -25.44 13.85 -5.56
N SER A 495 -24.86 13.98 -6.75
CA SER A 495 -25.20 15.08 -7.64
C SER A 495 -26.48 14.82 -8.43
N HIS A 496 -26.92 13.55 -8.49
CA HIS A 496 -28.09 13.20 -9.30
C HIS A 496 -29.36 13.69 -8.60
N PRO A 497 -30.15 14.56 -9.23
CA PRO A 497 -31.33 15.11 -8.57
C PRO A 497 -32.56 14.20 -8.59
N GLY A 498 -32.47 13.04 -9.22
CA GLY A 498 -33.52 12.05 -9.30
C GLY A 498 -33.67 11.14 -8.11
N PHE A 499 -32.85 11.34 -7.08
CA PHE A 499 -32.83 10.50 -5.90
C PHE A 499 -32.82 11.37 -4.65
N LYS A 500 -33.45 10.88 -3.59
CA LYS A 500 -33.33 11.50 -2.29
C LYS A 500 -32.83 10.48 -1.29
N PHE A 501 -32.07 10.93 -0.30
CA PHE A 501 -31.58 10.02 0.72
C PHE A 501 -32.72 9.64 1.65
N VAL A 502 -32.69 8.39 2.09
CA VAL A 502 -33.65 7.83 3.04
C VAL A 502 -32.88 6.93 3.99
N ASP A 503 -33.18 7.02 5.28
CA ASP A 503 -32.44 6.22 6.22
C ASP A 503 -32.94 4.77 6.20
N PRO A 504 -32.12 3.82 6.66
CA PRO A 504 -32.57 2.43 6.77
C PRO A 504 -33.65 2.27 7.81
N ALA A 505 -34.38 1.16 7.69
CA ALA A 505 -35.57 0.99 8.53
C ALA A 505 -35.18 0.86 10.00
N ASP A 506 -34.10 0.13 10.29
CA ASP A 506 -33.83 -0.41 11.64
C ASP A 506 -32.51 0.07 12.22
N ARG A 507 -31.81 0.99 11.56
CA ARG A 507 -30.49 1.39 12.01
C ARG A 507 -30.06 2.66 11.28
N HIS A 508 -29.00 3.28 11.79
CA HIS A 508 -28.41 4.39 11.07
C HIS A 508 -27.75 3.89 9.79
N PRO A 509 -27.73 4.71 8.74
CA PRO A 509 -26.95 4.35 7.55
C PRO A 509 -25.46 4.32 7.85
N ALA A 510 -24.74 3.53 7.06
CA ALA A 510 -23.32 3.26 7.33
C ALA A 510 -22.59 2.98 6.02
N LEU A 511 -21.28 2.75 6.14
CA LEU A 511 -20.47 2.48 4.96
C LEU A 511 -20.97 1.26 4.18
N CYS A 512 -21.52 0.26 4.89
CA CYS A 512 -22.08 -0.90 4.20
C CYS A 512 -23.21 -0.52 3.25
N ASP A 513 -23.75 0.68 3.35
CA ASP A 513 -24.82 1.09 2.46
C ASP A 513 -24.32 1.82 1.23
N VAL A 514 -23.01 2.11 1.16
CA VAL A 514 -22.51 2.86 0.02
C VAL A 514 -22.58 2.03 -1.25
N ALA A 515 -22.05 0.81 -1.18
CA ALA A 515 -22.03 -0.03 -2.38
C ALA A 515 -23.42 -0.38 -2.89
N PRO A 516 -24.37 -0.82 -2.05
CA PRO A 516 -25.74 -1.02 -2.55
C PRO A 516 -26.35 0.21 -3.21
N THR A 517 -26.06 1.39 -2.66
CA THR A 517 -26.58 2.63 -3.22
C THR A 517 -26.02 2.90 -4.61
N VAL A 518 -24.71 2.69 -4.79
CA VAL A 518 -24.11 2.82 -6.11
C VAL A 518 -24.86 1.97 -7.11
N LEU A 519 -25.14 0.72 -6.75
CA LEU A 519 -25.78 -0.18 -7.71
C LEU A 519 -27.15 0.33 -8.07
N ALA A 520 -27.87 0.84 -7.08
CA ALA A 520 -29.22 1.35 -7.33
C ALA A 520 -29.17 2.49 -8.33
N ILE A 521 -28.19 3.39 -8.17
CA ILE A 521 -28.08 4.50 -9.11
C ILE A 521 -27.69 3.99 -10.49
N MET A 522 -26.78 3.02 -10.55
CA MET A 522 -26.38 2.48 -11.84
C MET A 522 -27.45 1.61 -12.50
N GLY A 523 -28.52 1.25 -11.80
CA GLY A 523 -29.54 0.44 -12.43
C GLY A 523 -29.16 -1.02 -12.55
N LEU A 524 -28.32 -1.53 -11.65
CA LEU A 524 -27.82 -2.89 -11.70
C LEU A 524 -28.39 -3.73 -10.56
N PRO A 525 -28.42 -5.06 -10.70
CA PRO A 525 -28.92 -5.90 -9.59
C PRO A 525 -27.99 -5.81 -8.39
N GLN A 526 -28.54 -6.14 -7.22
CA GLN A 526 -27.77 -6.21 -5.99
C GLN A 526 -27.61 -7.65 -5.52
N PRO A 527 -26.38 -8.13 -5.30
CA PRO A 527 -26.21 -9.51 -4.84
C PRO A 527 -26.72 -9.69 -3.41
N ALA A 528 -27.18 -10.91 -3.12
CA ALA A 528 -27.69 -11.22 -1.79
C ALA A 528 -26.64 -11.06 -0.70
N GLU A 529 -25.36 -11.22 -1.04
CA GLU A 529 -24.31 -11.09 -0.03
C GLU A 529 -24.16 -9.66 0.48
N MET A 530 -24.59 -8.68 -0.30
CA MET A 530 -24.59 -7.29 0.17
C MET A 530 -25.85 -7.12 0.99
N THR A 531 -25.67 -7.11 2.31
CA THR A 531 -26.77 -6.97 3.25
C THR A 531 -26.99 -5.53 3.66
N GLY A 532 -26.14 -4.62 3.19
CA GLY A 532 -26.48 -3.22 3.16
C GLY A 532 -27.67 -2.96 2.27
N VAL A 533 -28.17 -1.74 2.36
CA VAL A 533 -29.35 -1.34 1.62
C VAL A 533 -29.05 -0.05 0.88
N SER A 534 -29.68 0.12 -0.27
CA SER A 534 -29.63 1.41 -0.94
C SER A 534 -30.36 2.39 -0.03
N ILE A 535 -29.77 3.55 0.16
CA ILE A 535 -30.34 4.57 1.03
C ILE A 535 -30.74 5.78 0.20
N VAL A 536 -31.09 5.53 -1.06
CA VAL A 536 -31.72 6.52 -1.91
C VAL A 536 -33.06 6.00 -2.40
N GLN A 537 -33.86 6.95 -2.90
CA GLN A 537 -35.20 6.73 -3.41
C GLN A 537 -35.38 7.57 -4.66
N LYS A 538 -35.88 6.90 -5.69
CA LYS A 538 -36.24 7.49 -6.98
C LYS A 538 -37.40 8.49 -6.88
N ILE A 539 -37.30 9.57 -7.66
CA ILE A 539 -38.30 10.67 -7.70
C ILE A 539 -38.83 10.83 -9.14
N ALA B 20 3.10 -24.37 -6.50
CA ALA B 20 4.40 -24.90 -6.89
C ALA B 20 4.56 -24.98 -8.41
N MET B 21 5.76 -24.63 -8.89
CA MET B 21 6.07 -24.63 -10.32
C MET B 21 7.03 -25.76 -10.65
N ALA B 22 7.01 -26.14 -11.94
CA ALA B 22 7.57 -27.42 -12.36
C ALA B 22 9.07 -27.55 -12.09
N ASN B 23 9.82 -26.45 -12.10
CA ASN B 23 11.28 -26.53 -11.97
C ASN B 23 11.78 -26.20 -10.57
N ASN B 24 10.88 -26.17 -9.58
CA ASN B 24 11.31 -25.85 -8.22
C ASN B 24 12.43 -26.78 -7.75
N SER B 25 12.49 -28.01 -8.29
CA SER B 25 13.45 -29.00 -7.83
C SER B 25 14.85 -28.74 -8.38
N SER B 26 14.95 -28.26 -9.63
CA SER B 26 16.23 -27.97 -10.27
C SER B 26 17.04 -26.88 -9.55
N VAL B 27 16.44 -26.15 -8.61
CA VAL B 27 17.14 -25.02 -8.01
C VAL B 27 18.27 -25.51 -7.11
N ALA B 28 19.43 -24.87 -7.21
CA ALA B 28 20.59 -25.26 -6.42
C ALA B 28 20.46 -24.91 -4.95
N ASN B 29 20.01 -23.69 -4.65
CA ASN B 29 19.83 -23.21 -3.28
C ASN B 29 18.54 -22.42 -3.14
N LYS B 30 17.70 -22.79 -2.20
CA LYS B 30 16.53 -21.97 -1.88
C LYS B 30 16.98 -20.72 -1.13
N VAL B 31 16.36 -19.57 -1.43
CA VAL B 31 16.82 -18.30 -0.89
C VAL B 31 15.68 -17.56 -0.22
N CYS B 32 15.94 -17.08 0.99
CA CYS B 32 15.07 -16.14 1.70
C CYS B 32 15.73 -14.77 1.75
N LEU B 33 15.04 -13.76 1.21
CA LEU B 33 15.55 -12.39 1.13
C LEU B 33 14.74 -11.46 2.04
N ILE B 34 15.40 -10.89 3.05
CA ILE B 34 14.80 -9.90 3.93
C ILE B 34 15.25 -8.51 3.47
N VAL B 35 14.28 -7.67 3.17
CA VAL B 35 14.53 -6.25 2.89
C VAL B 35 14.11 -5.45 4.12
N ILE B 36 15.09 -5.04 4.92
CA ILE B 36 14.80 -4.12 6.01
C ILE B 36 14.56 -2.73 5.42
N ASP B 37 13.52 -2.05 5.87
CA ASP B 37 13.22 -0.70 5.41
C ASP B 37 13.85 0.35 6.32
N GLY B 38 14.71 1.19 5.75
CA GLY B 38 15.30 2.29 6.49
C GLY B 38 16.41 1.94 7.46
N TRP B 39 17.30 1.02 7.06
CA TRP B 39 18.38 0.50 7.90
C TRP B 39 19.71 0.75 7.19
N GLY B 40 20.39 1.85 7.52
CA GLY B 40 21.65 2.16 6.86
C GLY B 40 22.86 1.95 7.75
N VAL B 41 24.03 1.87 7.13
CA VAL B 41 25.30 1.61 7.81
C VAL B 41 26.00 2.94 8.07
N SER B 42 26.13 3.29 9.35
CA SER B 42 26.83 4.49 9.77
C SER B 42 27.59 4.17 11.05
N GLU B 43 28.89 4.46 11.05
CA GLU B 43 29.71 4.22 12.22
C GLU B 43 29.60 5.34 13.23
N ASP B 44 28.94 6.45 12.89
CA ASP B 44 28.72 7.55 13.83
C ASP B 44 27.60 7.18 14.81
N PRO B 45 27.86 7.17 16.12
CA PRO B 45 26.81 6.77 17.09
C PRO B 45 25.80 7.86 17.45
N TYR B 46 26.04 9.13 17.09
CA TYR B 46 25.14 10.19 17.53
C TYR B 46 23.78 10.02 16.87
N GLY B 47 22.75 9.85 17.69
CA GLY B 47 21.40 9.66 17.20
C GLY B 47 21.25 8.43 16.34
N ASN B 48 22.20 7.51 16.37
CA ASN B 48 22.15 6.31 15.54
C ASN B 48 21.45 5.21 16.32
N ALA B 49 20.15 5.05 16.06
CA ALA B 49 19.33 4.07 16.78
C ALA B 49 19.71 2.63 16.46
N ILE B 50 20.33 2.38 15.30
CA ILE B 50 20.75 1.03 14.96
C ILE B 50 21.98 0.63 15.77
N LEU B 51 23.03 1.46 15.72
CA LEU B 51 24.24 1.17 16.48
C LEU B 51 23.91 0.97 17.96
N ASN B 52 23.09 1.85 18.51
CA ASN B 52 22.82 1.88 19.93
C ASN B 52 21.79 0.86 20.39
N ALA B 53 20.94 0.33 19.50
CA ALA B 53 20.05 -0.76 19.86
C ALA B 53 20.80 -2.06 20.10
N GLN B 54 20.22 -2.90 20.97
CA GLN B 54 20.67 -4.29 21.10
C GLN B 54 20.27 -5.00 19.83
N THR B 55 21.24 -5.22 18.95
CA THR B 55 21.02 -5.86 17.65
C THR B 55 21.98 -7.02 17.43
N PRO B 56 21.97 -8.00 18.34
CA PRO B 56 22.95 -9.11 18.21
C PRO B 56 22.86 -9.93 16.93
N VAL B 57 21.66 -10.10 16.37
CA VAL B 57 21.52 -10.90 15.16
C VAL B 57 22.19 -10.23 13.98
N MET B 58 21.85 -8.95 13.72
CA MET B 58 22.45 -8.27 12.59
C MET B 58 23.93 -7.99 12.84
N ASP B 59 24.32 -7.83 14.10
CA ASP B 59 25.74 -7.71 14.42
C ASP B 59 26.49 -8.97 13.99
N LYS B 60 25.84 -10.14 14.09
CA LYS B 60 26.51 -11.37 13.65
C LYS B 60 26.47 -11.50 12.14
N LEU B 61 25.30 -11.29 11.52
CA LEU B 61 25.16 -11.42 10.07
C LEU B 61 26.00 -10.39 9.33
N CYS B 62 26.08 -9.18 9.86
CA CYS B 62 26.90 -8.12 9.28
C CYS B 62 28.33 -8.19 9.86
N SER B 63 28.96 -9.35 9.71
CA SER B 63 30.37 -9.51 10.06
C SER B 63 30.98 -10.57 9.16
N GLY B 64 32.32 -10.60 9.12
CA GLY B 64 32.93 -11.61 8.29
C GLY B 64 32.56 -11.34 6.85
N ASN B 65 31.88 -12.29 6.23
CA ASN B 65 31.49 -12.14 4.83
C ASN B 65 30.17 -11.37 4.74
N TRP B 66 30.28 -10.05 4.54
CA TRP B 66 29.13 -9.20 4.23
C TRP B 66 29.62 -8.01 3.41
N ALA B 67 28.69 -7.33 2.75
CA ALA B 67 29.00 -6.19 1.90
C ALA B 67 28.20 -4.97 2.33
N GLN B 68 28.69 -3.78 1.95
CA GLN B 68 27.93 -2.54 2.12
C GLN B 68 27.75 -1.90 0.74
N ILE B 69 26.50 -1.69 0.35
CA ILE B 69 26.19 -1.34 -1.02
C ILE B 69 25.39 -0.04 -1.05
N GLU B 70 25.51 0.66 -2.18
CA GLU B 70 24.92 1.99 -2.32
C GLU B 70 23.46 1.89 -2.69
N ALA B 71 22.67 2.85 -2.18
CA ALA B 71 21.23 2.91 -2.34
C ALA B 71 20.74 4.34 -2.55
N HIS B 72 21.61 5.23 -3.01
CA HIS B 72 21.26 6.62 -3.23
C HIS B 72 21.92 7.12 -4.51
N GLY B 73 21.47 8.28 -4.96
CA GLY B 73 22.05 9.02 -6.07
C GLY B 73 22.06 8.19 -7.35
N LEU B 74 23.09 8.41 -8.17
CA LEU B 74 23.14 7.76 -9.48
C LEU B 74 23.25 6.24 -9.38
N HIS B 75 23.74 5.72 -8.24
CA HIS B 75 23.80 4.26 -8.09
C HIS B 75 22.44 3.61 -8.19
N VAL B 76 21.37 4.32 -7.81
CA VAL B 76 20.00 3.81 -7.92
C VAL B 76 19.18 4.62 -8.91
N GLY B 77 19.84 5.35 -9.80
CA GLY B 77 19.15 6.09 -10.85
C GLY B 77 18.64 7.44 -10.44
N LEU B 78 19.03 7.96 -9.27
CA LEU B 78 18.61 9.27 -8.81
C LEU B 78 19.66 10.35 -9.05
N PRO B 79 19.25 11.62 -9.11
CA PRO B 79 20.22 12.70 -9.24
C PRO B 79 21.30 12.57 -8.18
N GLU B 80 22.52 13.00 -8.52
CA GLU B 80 23.63 12.85 -7.59
C GLU B 80 23.31 13.48 -6.23
N GLY B 81 23.68 12.76 -5.17
CA GLY B 81 23.55 13.25 -3.82
C GLY B 81 22.16 13.17 -3.19
N LEU B 82 21.14 12.72 -3.92
CA LEU B 82 19.79 12.65 -3.39
C LEU B 82 19.58 11.35 -2.61
N MET B 83 18.98 11.43 -1.43
CA MET B 83 18.72 10.24 -0.62
C MET B 83 17.79 9.24 -1.33
N GLY B 84 17.92 7.97 -0.97
CA GLY B 84 17.07 6.92 -1.48
C GLY B 84 15.67 6.98 -0.89
N ASN B 85 14.80 6.08 -1.38
CA ASN B 85 13.46 5.98 -0.86
C ASN B 85 12.89 4.60 -1.16
N SER B 86 11.70 4.34 -0.60
CA SER B 86 11.15 2.98 -0.62
C SER B 86 10.78 2.54 -2.03
N GLU B 87 10.27 3.46 -2.85
CA GLU B 87 9.80 3.09 -4.18
C GLU B 87 10.99 2.79 -5.09
N VAL B 88 11.92 3.74 -5.16
CA VAL B 88 13.18 3.51 -5.88
C VAL B 88 13.88 2.28 -5.33
N GLY B 89 13.97 2.17 -4.01
CA GLY B 89 14.76 1.10 -3.43
C GLY B 89 14.24 -0.28 -3.80
N HIS B 90 12.94 -0.51 -3.62
CA HIS B 90 12.37 -1.80 -4.00
C HIS B 90 12.41 -2.01 -5.51
N LEU B 91 12.19 -0.96 -6.29
CA LEU B 91 12.29 -1.09 -7.75
C LEU B 91 13.67 -1.59 -8.17
N ASN B 92 14.72 -0.94 -7.67
CA ASN B 92 16.08 -1.34 -8.03
C ASN B 92 16.42 -2.72 -7.50
N ILE B 93 16.01 -3.02 -6.26
CA ILE B 93 16.29 -4.33 -5.69
C ILE B 93 15.66 -5.41 -6.54
N GLY B 94 14.41 -5.20 -6.95
CA GLY B 94 13.71 -6.21 -7.72
C GLY B 94 14.15 -6.32 -9.15
N ALA B 95 14.76 -5.27 -9.71
CA ALA B 95 15.01 -5.22 -11.13
C ALA B 95 16.35 -5.82 -11.56
N GLY B 96 17.34 -5.86 -10.66
CA GLY B 96 18.65 -6.36 -11.08
C GLY B 96 19.27 -5.45 -12.12
N ARG B 97 18.95 -4.17 -12.06
CA ARG B 97 19.45 -3.15 -12.96
C ARG B 97 19.13 -1.80 -12.31
N VAL B 98 19.77 -0.75 -12.79
CA VAL B 98 19.47 0.59 -12.32
C VAL B 98 18.23 1.10 -13.04
N ILE B 99 17.21 1.52 -12.26
CA ILE B 99 16.06 2.21 -12.84
C ILE B 99 16.30 3.71 -12.71
N TYR B 100 16.54 4.33 -13.86
CA TYR B 100 16.86 5.74 -14.01
C TYR B 100 15.66 6.68 -14.00
N GLN B 101 15.68 7.70 -13.14
CA GLN B 101 14.63 8.71 -13.26
C GLN B 101 14.90 9.50 -14.55
N ASP B 102 13.83 10.02 -15.17
CA ASP B 102 13.92 10.60 -16.52
C ASP B 102 15.05 11.63 -16.67
N ILE B 103 15.17 12.51 -15.68
CA ILE B 103 16.14 13.61 -15.71
C ILE B 103 17.54 13.06 -15.78
N VAL B 104 17.85 12.05 -14.96
CA VAL B 104 19.18 11.46 -14.92
C VAL B 104 19.50 10.85 -16.27
N ARG B 105 18.51 10.19 -16.88
CA ARG B 105 18.75 9.57 -18.19
C ARG B 105 19.13 10.63 -19.21
N ILE B 106 18.39 11.75 -19.23
CA ILE B 106 18.67 12.78 -20.23
C ILE B 106 20.02 13.47 -19.99
N ASN B 107 20.32 13.81 -18.72
CA ASN B 107 21.59 14.46 -18.44
C ASN B 107 22.76 13.53 -18.79
N LEU B 108 22.59 12.24 -18.55
CA LEU B 108 23.64 11.30 -18.94
C LEU B 108 23.80 11.28 -20.45
N ALA B 109 22.70 11.24 -21.18
CA ALA B 109 22.78 11.31 -22.64
C ALA B 109 23.56 12.55 -23.11
N VAL B 110 23.29 13.72 -22.51
CA VAL B 110 24.05 14.93 -22.87
C VAL B 110 25.53 14.78 -22.52
N LYS B 111 25.84 14.47 -21.26
CA LYS B 111 27.24 14.35 -20.84
C LYS B 111 28.02 13.39 -21.73
N ASN B 112 27.41 12.27 -22.08
CA ASN B 112 28.07 11.18 -22.79
C ASN B 112 27.79 11.17 -24.29
N ASN B 113 27.30 12.28 -24.85
CA ASN B 113 27.13 12.40 -26.31
C ASN B 113 26.34 11.24 -26.90
N LYS B 114 25.19 10.95 -26.30
CA LYS B 114 24.39 9.79 -26.70
C LYS B 114 23.15 10.18 -27.49
N PHE B 115 22.87 11.48 -27.66
CA PHE B 115 21.75 11.91 -28.51
C PHE B 115 21.95 11.51 -29.97
N VAL B 116 23.18 11.58 -30.48
CA VAL B 116 23.42 11.31 -31.90
C VAL B 116 23.13 9.85 -32.28
N THR B 117 23.04 8.94 -31.31
CA THR B 117 22.63 7.56 -31.58
C THR B 117 21.31 7.20 -30.91
N ASN B 118 20.59 8.18 -30.36
CA ASN B 118 19.27 7.96 -29.77
C ASN B 118 18.27 7.50 -30.82
N GLU B 119 17.60 6.37 -30.56
CA GLU B 119 16.77 5.76 -31.59
C GLU B 119 15.66 6.70 -32.09
N SER B 120 14.91 7.34 -31.18
CA SER B 120 13.82 8.19 -31.65
C SER B 120 14.32 9.48 -32.30
N LEU B 121 15.41 10.07 -31.80
CA LEU B 121 15.95 11.25 -32.49
C LEU B 121 16.45 10.90 -33.88
N VAL B 122 17.13 9.76 -34.01
CA VAL B 122 17.57 9.30 -35.33
C VAL B 122 16.37 9.04 -36.23
N ASP B 123 15.31 8.45 -35.68
CA ASP B 123 14.10 8.22 -36.48
C ASP B 123 13.52 9.53 -36.99
N ALA B 124 13.40 10.52 -36.10
CA ALA B 124 12.85 11.81 -36.52
C ALA B 124 13.73 12.49 -37.59
N CYS B 125 15.06 12.41 -37.43
CA CYS B 125 15.94 13.06 -38.42
C CYS B 125 15.94 12.29 -39.73
N ASP B 126 15.85 10.97 -39.69
CA ASP B 126 15.67 10.20 -40.91
C ASP B 126 14.37 10.61 -41.60
N ARG B 127 13.31 10.79 -40.83
CA ARG B 127 12.03 11.21 -41.41
C ARG B 127 12.18 12.49 -42.20
N ALA B 128 12.78 13.52 -41.57
CA ALA B 128 12.99 14.79 -42.25
C ALA B 128 13.86 14.62 -43.49
N LYS B 129 14.97 13.89 -43.35
CA LYS B 129 15.92 13.73 -44.46
C LYS B 129 15.27 13.05 -45.67
N ASN B 130 14.48 11.99 -45.44
CA ASN B 130 13.79 11.33 -46.54
C ASN B 130 12.58 12.11 -47.02
N GLY B 131 12.14 13.11 -46.26
CA GLY B 131 10.98 13.91 -46.62
C GLY B 131 11.37 15.32 -47.07
N ASN B 132 10.72 16.32 -46.51
CA ASN B 132 10.92 17.71 -46.91
C ASN B 132 12.08 18.38 -46.20
N GLY B 133 12.86 17.65 -45.40
CA GLY B 133 14.05 18.24 -44.82
C GLY B 133 13.82 19.17 -43.65
N ARG B 134 12.60 19.28 -43.14
CA ARG B 134 12.25 20.32 -42.18
C ARG B 134 11.95 19.74 -40.79
N LEU B 135 12.70 20.23 -39.79
CA LEU B 135 12.55 19.85 -38.39
C LEU B 135 12.37 21.09 -37.52
N HIS B 136 11.59 20.95 -36.45
CA HIS B 136 11.32 22.03 -35.50
C HIS B 136 11.66 21.57 -34.08
N LEU B 137 12.08 22.53 -33.24
CA LEU B 137 12.36 22.28 -31.84
C LEU B 137 11.55 23.26 -31.01
N ALA B 138 10.84 22.76 -30.01
CA ALA B 138 9.96 23.61 -29.21
C ALA B 138 10.00 23.21 -27.76
N GLY B 139 10.00 24.22 -26.88
CA GLY B 139 10.04 23.96 -25.46
C GLY B 139 10.35 25.22 -24.68
N LEU B 140 10.37 25.05 -23.35
CA LEU B 140 10.66 26.14 -22.45
C LEU B 140 12.16 26.41 -22.48
N VAL B 141 12.57 27.64 -22.81
CA VAL B 141 13.98 27.95 -22.98
C VAL B 141 14.46 28.77 -21.79
N SER B 142 15.01 28.10 -20.78
CA SER B 142 15.63 28.72 -19.61
C SER B 142 16.41 27.63 -18.88
N ASP B 143 17.14 28.04 -17.83
CA ASP B 143 17.86 27.11 -16.95
C ASP B 143 17.07 26.80 -15.68
N GLY B 144 15.75 26.93 -15.71
CA GLY B 144 14.92 26.70 -14.54
C GLY B 144 15.01 25.26 -14.04
N GLY B 145 15.07 24.31 -14.97
CA GLY B 145 15.26 22.91 -14.61
C GLY B 145 14.04 22.22 -14.03
N VAL B 146 12.90 22.89 -13.99
CA VAL B 146 11.67 22.22 -13.54
C VAL B 146 11.00 21.47 -14.69
N HIS B 147 10.83 22.16 -15.84
CA HIS B 147 10.19 21.58 -17.02
C HIS B 147 11.18 21.21 -18.11
N SER B 148 12.38 21.78 -18.10
CA SER B 148 13.29 21.70 -19.22
C SER B 148 14.64 22.25 -18.79
N HIS B 149 15.62 22.14 -19.67
CA HIS B 149 16.85 22.90 -19.49
C HIS B 149 17.44 23.26 -20.86
N ILE B 150 17.83 24.53 -20.99
CA ILE B 150 18.45 25.04 -22.22
C ILE B 150 19.58 24.14 -22.69
N ASP B 151 20.30 23.53 -21.74
CA ASP B 151 21.39 22.62 -22.09
C ASP B 151 20.90 21.43 -22.90
N HIS B 152 19.66 20.96 -22.62
CA HIS B 152 19.10 19.90 -23.43
C HIS B 152 18.83 20.37 -24.84
N MET B 153 18.32 21.60 -24.98
CA MET B 153 18.05 22.16 -26.30
C MET B 153 19.34 22.34 -27.10
N PHE B 154 20.40 22.82 -26.44
CA PHE B 154 21.71 22.95 -27.09
C PHE B 154 22.26 21.61 -27.53
N ALA B 155 22.20 20.62 -26.64
CA ALA B 155 22.66 19.30 -27.02
C ALA B 155 21.90 18.78 -28.23
N LEU B 156 20.58 19.03 -28.27
CA LEU B 156 19.75 18.59 -29.39
C LEU B 156 20.17 19.27 -30.67
N VAL B 157 20.37 20.59 -30.62
CA VAL B 157 20.78 21.28 -31.84
C VAL B 157 22.09 20.70 -32.35
N LYS B 158 23.04 20.44 -31.45
CA LYS B 158 24.32 19.91 -31.89
C LYS B 158 24.16 18.53 -32.52
N ALA B 159 23.32 17.67 -31.94
CA ALA B 159 23.12 16.36 -32.54
C ALA B 159 22.40 16.47 -33.87
N ILE B 160 21.36 17.30 -33.94
CA ILE B 160 20.62 17.45 -35.19
C ILE B 160 21.55 17.92 -36.30
N LYS B 161 22.44 18.87 -36.00
CA LYS B 161 23.44 19.28 -36.99
C LYS B 161 24.29 18.09 -37.42
N GLU B 162 24.86 17.36 -36.45
CA GLU B 162 25.73 16.25 -36.79
C GLU B 162 25.00 15.18 -37.60
N LEU B 163 23.69 15.03 -37.42
CA LEU B 163 22.94 14.05 -38.19
C LEU B 163 22.54 14.54 -39.57
N GLY B 164 22.88 15.78 -39.91
CA GLY B 164 22.74 16.24 -41.28
C GLY B 164 21.34 16.66 -41.69
N VAL B 165 20.52 17.09 -40.75
CA VAL B 165 19.18 17.58 -41.07
C VAL B 165 19.30 18.92 -41.81
N PRO B 166 18.63 19.10 -42.96
CA PRO B 166 18.82 20.35 -43.73
C PRO B 166 18.36 21.63 -43.04
N GLU B 167 17.21 21.63 -42.39
CA GLU B 167 16.61 22.87 -41.93
C GLU B 167 16.09 22.67 -40.53
N LEU B 168 16.53 23.52 -39.59
CA LEU B 168 16.07 23.44 -38.22
C LEU B 168 15.62 24.81 -37.76
N TYR B 169 14.44 24.85 -37.15
CA TYR B 169 13.88 26.08 -36.61
C TYR B 169 13.56 25.86 -35.14
N LEU B 170 13.77 26.88 -34.33
CA LEU B 170 13.53 26.84 -32.89
C LEU B 170 12.34 27.72 -32.50
N HIS B 171 11.47 27.18 -31.65
CA HIS B 171 10.33 27.92 -31.09
C HIS B 171 10.54 28.06 -29.58
N PHE B 172 10.79 29.29 -29.18
CA PHE B 172 11.27 29.64 -27.85
C PHE B 172 10.06 30.03 -27.01
N TYR B 173 9.75 29.25 -25.96
CA TYR B 173 8.69 29.60 -25.04
C TYR B 173 9.37 30.31 -23.88
N GLY B 174 8.97 31.55 -23.59
CA GLY B 174 9.68 32.26 -22.55
C GLY B 174 9.27 31.84 -21.16
N ASP B 175 10.26 31.78 -20.27
CA ASP B 175 10.11 31.28 -18.92
C ASP B 175 9.99 32.48 -17.99
N GLY B 176 8.98 32.50 -17.15
CA GLY B 176 8.81 33.63 -16.25
C GLY B 176 8.40 33.24 -14.84
N ARG B 177 8.38 31.95 -14.57
CA ARG B 177 8.01 31.41 -13.27
C ARG B 177 9.13 30.62 -12.61
N ASP B 178 9.81 29.76 -13.35
CA ASP B 178 11.01 29.09 -12.87
C ASP B 178 12.33 29.84 -13.09
N THR B 179 12.33 31.04 -13.70
CA THR B 179 13.61 31.75 -13.83
C THR B 179 13.48 33.28 -13.75
N SER B 180 12.75 33.77 -12.76
CA SER B 180 12.40 35.19 -12.59
C SER B 180 11.94 35.90 -13.88
N PRO B 181 11.10 36.93 -13.74
CA PRO B 181 10.47 37.56 -14.92
C PRO B 181 11.37 38.36 -15.87
N ASN B 182 12.65 38.66 -15.59
CA ASN B 182 13.43 39.44 -16.56
C ASN B 182 14.71 38.78 -17.08
N SER B 183 14.84 37.46 -16.94
CA SER B 183 16.01 36.75 -17.43
C SER B 183 15.89 36.34 -18.90
N GLY B 184 14.69 36.42 -19.48
CA GLY B 184 14.49 35.94 -20.85
C GLY B 184 15.39 36.62 -21.86
N VAL B 185 15.67 37.90 -21.68
CA VAL B 185 16.52 38.59 -22.65
C VAL B 185 17.90 37.96 -22.69
N GLY B 186 18.37 37.46 -21.54
CA GLY B 186 19.65 36.77 -21.51
C GLY B 186 19.64 35.40 -22.16
N PHE B 187 18.58 34.62 -21.93
CA PHE B 187 18.48 33.32 -22.60
C PHE B 187 18.29 33.47 -24.10
N LEU B 188 17.62 34.54 -24.53
CA LEU B 188 17.48 34.85 -25.95
C LEU B 188 18.83 35.21 -26.55
N GLU B 189 19.57 36.12 -25.90
CA GLU B 189 20.90 36.47 -26.38
C GLU B 189 21.82 35.24 -26.42
N GLN B 190 21.79 34.41 -25.37
CA GLN B 190 22.57 33.17 -25.34
C GLN B 190 22.21 32.28 -26.53
N THR B 191 20.91 32.17 -26.83
CA THR B 191 20.48 31.27 -27.90
C THR B 191 20.99 31.79 -29.24
N LEU B 192 20.82 33.10 -29.47
CA LEU B 192 21.26 33.71 -30.74
C LEU B 192 22.75 33.52 -30.93
N GLU B 193 23.53 33.80 -29.87
CA GLU B 193 24.98 33.63 -29.93
C GLU B 193 25.34 32.18 -30.19
N PHE B 194 24.64 31.27 -29.52
CA PHE B 194 24.85 29.84 -29.72
C PHE B 194 24.69 29.49 -31.20
N LEU B 195 23.59 29.91 -31.81
CA LEU B 195 23.25 29.61 -33.21
C LEU B 195 24.19 30.29 -34.29
N GLU B 196 25.34 30.91 -34.03
CA GLU B 196 26.11 31.57 -35.09
C GLU B 196 27.62 31.51 -34.81
N THR B 199 28.06 26.78 -32.98
CA THR B 199 27.12 26.01 -33.83
C THR B 199 27.05 26.46 -35.30
N GLY B 200 26.55 27.67 -35.53
CA GLY B 200 26.36 28.17 -36.89
C GLY B 200 25.26 27.48 -37.65
N TYR B 201 24.20 27.05 -36.98
CA TYR B 201 23.20 26.18 -37.59
C TYR B 201 21.90 26.30 -36.79
N GLY B 202 20.80 26.45 -37.50
CA GLY B 202 19.52 26.59 -36.84
C GLY B 202 19.07 28.04 -36.77
N LYS B 203 17.76 28.24 -36.79
CA LYS B 203 17.21 29.58 -36.85
C LYS B 203 16.05 29.68 -35.86
N LEU B 204 16.03 30.75 -35.07
CA LEU B 204 14.90 31.07 -34.20
C LEU B 204 13.71 31.52 -35.02
N ALA B 205 12.55 30.92 -34.75
CA ALA B 205 11.32 31.19 -35.49
C ALA B 205 10.21 31.82 -34.68
N THR B 206 10.14 31.61 -33.36
CA THR B 206 9.05 32.13 -32.56
C THR B 206 9.55 32.42 -31.16
N VAL B 207 9.00 33.47 -30.56
CA VAL B 207 9.12 33.71 -29.12
C VAL B 207 7.73 34.00 -28.57
N VAL B 208 7.29 33.21 -27.58
CA VAL B 208 6.00 33.42 -26.93
C VAL B 208 6.09 32.93 -25.49
N GLY B 209 5.41 33.62 -24.57
CA GLY B 209 5.46 33.24 -23.16
C GLY B 209 4.76 31.93 -22.88
N ARG B 210 5.21 31.25 -21.81
CA ARG B 210 4.63 29.95 -21.43
C ARG B 210 3.16 30.07 -21.04
N TYR B 211 2.72 31.24 -20.58
CA TYR B 211 1.30 31.47 -20.31
C TYR B 211 0.44 30.97 -21.46
N TYR B 212 0.91 31.12 -22.70
CA TYR B 212 0.16 30.70 -23.88
C TYR B 212 0.51 29.27 -24.30
N ALA B 213 1.81 28.95 -24.42
CA ALA B 213 2.22 27.66 -24.98
C ALA B 213 2.05 26.48 -24.02
N MET B 214 2.05 26.73 -22.71
CA MET B 214 2.21 25.67 -21.72
C MET B 214 1.07 25.67 -20.70
N ASP B 215 -0.12 26.06 -21.15
CA ASP B 215 -1.31 25.97 -20.31
C ASP B 215 -1.63 24.51 -20.02
N ARG B 216 -2.13 24.24 -18.80
CA ARG B 216 -2.54 22.89 -18.43
C ARG B 216 -3.96 22.83 -17.89
N ASP B 217 -4.73 23.92 -18.03
CA ASP B 217 -6.08 23.99 -17.49
C ASP B 217 -7.16 24.04 -18.57
N ASN B 218 -6.88 23.50 -19.75
CA ASN B 218 -7.83 23.46 -20.87
C ASN B 218 -8.34 24.84 -21.31
N ARG B 219 -7.51 25.88 -21.22
CA ARG B 219 -7.88 27.21 -21.72
C ARG B 219 -7.31 27.30 -23.14
N TRP B 220 -7.97 26.60 -24.07
CA TRP B 220 -7.44 26.45 -25.44
C TRP B 220 -7.36 27.78 -26.19
N GLU B 221 -8.12 28.81 -25.78
CA GLU B 221 -7.96 30.13 -26.35
C GLU B 221 -6.55 30.68 -26.10
N ARG B 222 -5.89 30.19 -25.06
CA ARG B 222 -4.52 30.57 -24.78
C ARG B 222 -3.57 29.81 -25.70
N ILE B 223 -3.75 28.49 -25.76
CA ILE B 223 -2.99 27.62 -26.65
C ILE B 223 -3.04 28.15 -28.09
N ASN B 224 -4.19 28.66 -28.49
CA ASN B 224 -4.37 29.09 -29.88
C ASN B 224 -3.37 30.18 -30.27
N VAL B 225 -2.96 31.03 -29.33
CA VAL B 225 -2.00 32.08 -29.64
C VAL B 225 -0.67 31.46 -30.09
N ALA B 226 -0.20 30.44 -29.36
CA ALA B 226 1.04 29.78 -29.73
C ALA B 226 0.87 28.93 -30.98
N TYR B 227 -0.29 28.28 -31.11
CA TYR B 227 -0.55 27.46 -32.29
C TYR B 227 -0.53 28.33 -33.55
N GLU B 228 -1.24 29.45 -33.51
CA GLU B 228 -1.27 30.37 -34.65
C GLU B 228 0.09 31.01 -34.88
N ALA B 229 0.86 31.28 -33.82
CA ALA B 229 2.21 31.78 -34.03
C ALA B 229 3.05 30.78 -34.81
N MET B 230 3.00 29.50 -34.41
CA MET B 230 3.83 28.48 -35.04
C MET B 230 3.35 28.11 -36.45
N ILE B 231 2.03 28.11 -36.69
CA ILE B 231 1.47 27.66 -37.96
C ILE B 231 1.35 28.79 -38.97
N GLY B 232 0.98 29.99 -38.50
CA GLY B 232 0.62 31.10 -39.38
C GLY B 232 1.45 32.36 -39.24
N GLY B 233 2.39 32.39 -38.30
CA GLY B 233 3.13 33.62 -38.08
C GLY B 233 2.30 34.76 -37.54
N VAL B 234 1.25 34.45 -36.78
CA VAL B 234 0.42 35.50 -36.16
C VAL B 234 1.16 36.06 -34.96
N GLY B 235 1.66 37.30 -35.11
CA GLY B 235 2.41 37.95 -34.05
C GLY B 235 3.16 39.14 -34.62
N GLU B 236 4.06 39.68 -33.79
CA GLU B 236 4.88 40.80 -34.22
C GLU B 236 6.04 40.29 -35.07
N THR B 237 6.17 40.86 -36.25
CA THR B 237 7.26 40.50 -37.14
C THR B 237 8.57 41.10 -36.65
N SER B 238 9.63 40.30 -36.72
CA SER B 238 10.99 40.73 -36.36
C SER B 238 12.00 39.85 -37.11
N ASP B 239 13.27 40.01 -36.78
CA ASP B 239 14.34 39.20 -37.34
C ASP B 239 15.39 39.07 -36.24
N GLU B 240 16.50 38.36 -36.53
CA GLU B 240 17.44 38.12 -35.43
C GLU B 240 17.96 39.44 -34.89
N ALA B 241 18.19 40.39 -35.79
CA ALA B 241 18.68 41.70 -35.42
C ALA B 241 17.52 42.49 -34.83
N GLY B 242 17.66 43.02 -33.62
CA GLY B 242 16.53 43.70 -32.99
C GLY B 242 15.60 42.89 -32.13
N VAL B 243 15.73 41.57 -32.05
CA VAL B 243 14.68 40.80 -31.39
C VAL B 243 14.77 41.09 -29.89
N VAL B 244 15.99 41.29 -29.40
CA VAL B 244 16.21 41.63 -28.01
C VAL B 244 15.55 42.97 -27.72
N GLU B 245 15.69 43.93 -28.64
CA GLU B 245 15.04 45.23 -28.44
C GLU B 245 13.54 45.10 -28.40
N VAL B 246 12.97 44.26 -29.28
CA VAL B 246 11.53 43.98 -29.21
C VAL B 246 11.15 43.55 -27.80
N VAL B 247 11.93 42.62 -27.24
CA VAL B 247 11.60 42.08 -25.92
C VAL B 247 11.76 43.16 -24.86
N ARG B 248 12.85 43.94 -24.94
CA ARG B 248 13.05 45.03 -24.00
C ARG B 248 11.87 45.99 -24.03
N LYS B 249 11.36 46.30 -25.22
CA LYS B 249 10.17 47.12 -25.35
C LYS B 249 8.98 46.48 -24.63
N ARG B 250 8.88 45.14 -24.68
CA ARG B 250 7.81 44.46 -23.94
C ARG B 250 7.98 44.64 -22.43
N TYR B 251 9.22 44.46 -21.94
CA TYR B 251 9.54 44.68 -20.52
C TYR B 251 9.17 46.09 -20.07
N ALA B 252 9.50 47.08 -20.89
CA ALA B 252 9.20 48.47 -20.53
C ALA B 252 7.70 48.70 -20.44
N ALA B 253 6.92 47.93 -21.19
CA ALA B 253 5.46 48.01 -21.11
C ALA B 253 4.88 47.08 -20.06
N ASP B 254 5.73 46.52 -19.19
CA ASP B 254 5.26 45.68 -18.08
C ASP B 254 4.72 44.32 -18.56
N GLU B 255 5.21 43.82 -19.69
CA GLU B 255 4.87 42.48 -20.18
C GLU B 255 6.11 41.60 -20.05
N THR B 256 6.09 40.68 -19.07
CA THR B 256 7.26 39.88 -18.73
C THR B 256 7.32 38.52 -19.46
N ASP B 257 8.37 37.75 -19.16
CA ASP B 257 8.70 36.56 -19.95
C ASP B 257 7.54 35.59 -20.02
N GLU B 258 6.90 35.33 -18.89
CA GLU B 258 5.83 34.33 -18.87
C GLU B 258 4.71 34.70 -19.83
N PHE B 259 4.54 36.00 -20.09
CA PHE B 259 3.36 36.52 -20.77
C PHE B 259 3.67 37.14 -22.13
N LEU B 260 4.87 36.94 -22.66
CA LEU B 260 5.22 37.56 -23.94
C LEU B 260 4.26 37.12 -25.03
N LYS B 261 3.67 38.10 -25.70
CA LYS B 261 2.86 37.80 -26.86
C LYS B 261 3.78 37.51 -28.04
N PRO B 262 3.29 36.80 -29.05
CA PRO B 262 4.20 36.21 -30.04
C PRO B 262 5.09 37.23 -30.75
N ILE B 263 6.33 36.82 -31.00
CA ILE B 263 7.27 37.51 -31.87
C ILE B 263 7.67 36.53 -32.96
N ILE B 264 7.65 36.99 -34.21
CA ILE B 264 7.77 36.09 -35.37
C ILE B 264 9.05 36.43 -36.11
N LEU B 265 9.93 35.45 -36.27
CA LEU B 265 11.14 35.62 -37.04
C LEU B 265 11.07 34.70 -38.25
N GLN B 266 11.83 35.08 -39.29
CA GLN B 266 11.86 34.26 -40.50
C GLN B 266 10.48 34.53 -41.10
N GLY B 267 10.09 33.78 -42.10
CA GLY B 267 8.80 33.97 -42.75
C GLY B 267 8.06 32.66 -42.76
N GLU B 268 7.32 32.44 -43.84
CA GLU B 268 6.52 31.23 -43.90
C GLU B 268 7.45 30.04 -43.78
N LYS B 269 8.68 30.17 -44.30
CA LYS B 269 9.65 29.07 -44.23
C LYS B 269 9.91 28.67 -42.78
N GLY B 270 9.80 29.61 -41.84
CA GLY B 270 10.05 29.30 -40.44
C GLY B 270 8.85 28.73 -39.68
N ARG B 271 7.68 28.71 -40.32
CA ARG B 271 6.44 28.19 -39.75
C ARG B 271 6.43 26.67 -39.77
N VAL B 272 5.64 26.09 -38.86
CA VAL B 272 5.36 24.65 -38.91
C VAL B 272 4.39 24.44 -40.07
N GLN B 273 4.88 23.75 -41.10
CA GLN B 273 4.20 23.57 -42.38
C GLN B 273 3.79 22.11 -42.58
N ASN B 274 3.14 21.89 -43.71
CA ASN B 274 2.80 20.54 -44.16
C ASN B 274 4.03 19.65 -44.23
N ASP B 275 3.90 18.43 -43.69
CA ASP B 275 4.92 17.38 -43.77
C ASP B 275 6.11 17.63 -42.84
N ASP B 276 6.05 18.65 -42.01
CA ASP B 276 7.17 18.96 -41.13
C ASP B 276 7.26 17.96 -39.99
N THR B 277 8.42 17.92 -39.36
CA THR B 277 8.65 17.09 -38.19
C THR B 277 8.97 18.00 -37.02
N ILE B 278 8.49 17.65 -35.83
CA ILE B 278 8.63 18.52 -34.66
C ILE B 278 8.99 17.71 -33.41
N ILE B 279 9.90 18.27 -32.60
CA ILE B 279 10.35 17.68 -31.33
C ILE B 279 10.11 18.69 -30.22
N PHE B 280 9.35 18.28 -29.19
CA PHE B 280 9.26 19.04 -27.94
C PHE B 280 10.31 18.54 -26.94
N PHE B 281 11.09 19.45 -26.36
CA PHE B 281 12.22 19.04 -25.51
C PHE B 281 11.98 19.16 -24.00
N ASP B 282 10.80 19.61 -23.56
CA ASP B 282 10.47 19.56 -22.14
C ASP B 282 10.34 18.11 -21.71
N TYR B 283 10.80 17.79 -20.49
CA TYR B 283 10.66 16.42 -20.04
C TYR B 283 9.50 16.22 -19.08
N ARG B 284 8.84 17.30 -18.67
CA ARG B 284 7.64 17.24 -17.84
C ARG B 284 6.38 17.33 -18.68
N ALA B 285 5.53 16.31 -18.55
CA ALA B 285 4.42 16.10 -19.49
C ALA B 285 3.26 17.06 -19.27
N ASP B 286 2.98 17.49 -18.03
CA ASP B 286 1.67 18.06 -17.77
C ASP B 286 1.46 19.33 -18.59
N ARG B 287 2.51 20.14 -18.78
CA ARG B 287 2.37 21.39 -19.52
C ARG B 287 2.71 21.24 -21.00
N MET B 288 2.98 20.02 -21.47
CA MET B 288 3.14 19.79 -22.90
C MET B 288 1.98 19.06 -23.56
N ARG B 289 1.00 18.55 -22.80
CA ARG B 289 -0.05 17.78 -23.44
C ARG B 289 -0.87 18.61 -24.41
N GLU B 290 -1.17 19.87 -24.05
CA GLU B 290 -2.08 20.67 -24.86
C GLU B 290 -1.44 21.14 -26.17
N ILE B 291 -0.23 21.69 -26.13
CA ILE B 291 0.37 22.15 -27.38
C ILE B 291 0.75 20.97 -28.26
N SER B 292 1.27 19.89 -27.66
CA SER B 292 1.68 18.74 -28.46
C SER B 292 0.46 18.07 -29.09
N ALA B 293 -0.66 18.02 -28.34
CA ALA B 293 -1.89 17.44 -28.87
C ALA B 293 -2.48 18.33 -29.95
N ALA B 294 -2.35 19.64 -29.80
CA ALA B 294 -2.83 20.53 -30.85
C ALA B 294 -2.05 20.32 -32.13
N MET B 295 -0.75 20.01 -32.03
CA MET B 295 0.03 19.80 -33.23
C MET B 295 -0.11 18.40 -33.81
N GLY B 296 -0.27 17.38 -32.99
CA GLY B 296 -0.14 16.03 -33.48
C GLY B 296 -1.38 15.17 -33.36
N MET B 297 -2.44 15.73 -32.82
CA MET B 297 -3.72 15.03 -32.71
C MET B 297 -4.84 16.00 -33.03
N ASP B 298 -6.06 15.67 -32.62
CA ASP B 298 -7.24 16.41 -33.05
C ASP B 298 -7.52 17.67 -32.23
N ARG B 299 -6.64 18.05 -31.30
CA ARG B 299 -7.04 19.16 -30.44
C ARG B 299 -6.88 20.50 -31.13
N TYR B 300 -6.36 20.51 -32.36
CA TYR B 300 -6.37 21.75 -33.11
C TYR B 300 -7.81 22.21 -33.30
N LYS B 301 -8.75 21.26 -33.41
CA LYS B 301 -10.15 21.66 -33.53
C LYS B 301 -10.58 22.54 -32.37
N ASP B 302 -10.12 22.21 -31.15
CA ASP B 302 -10.44 23.00 -29.97
C ASP B 302 -9.92 24.43 -30.05
N CYS B 303 -8.86 24.69 -30.83
CA CYS B 303 -8.28 26.02 -30.90
C CYS B 303 -9.12 27.06 -31.64
N ASN B 304 -10.02 26.68 -32.56
CA ASN B 304 -10.82 27.70 -33.27
C ASN B 304 -9.93 28.74 -33.93
N SER B 305 -8.92 28.28 -34.65
CA SER B 305 -7.99 29.12 -35.37
C SER B 305 -8.55 29.38 -36.75
N LYS B 306 -8.33 30.61 -37.26
CA LYS B 306 -8.75 30.80 -38.64
C LYS B 306 -7.82 30.12 -39.63
N LEU B 307 -6.72 29.57 -39.14
CA LEU B 307 -5.76 28.86 -39.97
C LEU B 307 -6.12 27.39 -40.18
N ALA B 308 -5.71 26.87 -41.31
CA ALA B 308 -5.82 25.47 -41.69
C ALA B 308 -4.78 24.62 -40.94
N HIS B 309 -5.21 23.48 -40.43
CA HIS B 309 -4.25 22.64 -39.74
C HIS B 309 -3.35 21.94 -40.74
N PRO B 310 -2.03 21.96 -40.54
CA PRO B 310 -1.10 21.30 -41.47
C PRO B 310 -1.34 19.81 -41.55
N SER B 311 -1.13 19.27 -42.74
CA SER B 311 -1.34 17.84 -42.91
C SER B 311 0.00 17.11 -42.75
N ASN B 312 -0.08 15.86 -42.30
CA ASN B 312 1.04 14.93 -42.26
C ASN B 312 2.18 15.40 -41.34
N LEU B 313 1.87 16.07 -40.23
CA LEU B 313 2.90 16.35 -39.22
C LEU B 313 3.17 15.10 -38.40
N GLN B 314 4.43 14.92 -37.99
CA GLN B 314 4.74 13.97 -36.93
C GLN B 314 5.42 14.67 -35.75
N VAL B 315 4.96 14.32 -34.53
CA VAL B 315 5.42 14.93 -33.29
C VAL B 315 6.21 13.91 -32.45
N TYR B 316 7.32 14.36 -31.89
CA TYR B 316 8.13 13.58 -30.95
C TYR B 316 8.25 14.37 -29.65
N GLY B 317 8.36 13.64 -28.55
CA GLY B 317 8.52 14.24 -27.23
C GLY B 317 9.82 13.81 -26.58
N MET B 318 10.35 14.68 -25.71
CA MET B 318 11.50 14.27 -24.92
C MET B 318 11.14 13.02 -24.11
N THR B 319 9.94 13.00 -23.55
CA THR B 319 9.43 11.85 -22.83
C THR B 319 8.00 11.61 -23.28
N GLN B 320 7.40 10.57 -22.72
CA GLN B 320 6.00 10.25 -23.00
C GLN B 320 5.13 11.25 -22.26
N TYR B 321 4.26 11.92 -22.99
CA TYR B 321 3.34 12.89 -22.41
C TYR B 321 1.98 12.30 -22.04
N LYS B 322 1.53 11.29 -22.78
CA LYS B 322 0.33 10.53 -22.43
C LYS B 322 0.42 9.19 -23.13
N ALA B 323 0.04 8.12 -22.41
CA ALA B 323 0.05 6.81 -23.04
C ALA B 323 -0.87 6.77 -24.23
N GLU B 324 -1.96 7.55 -24.19
CA GLU B 324 -2.91 7.57 -25.29
C GLU B 324 -2.32 8.25 -26.53
N PHE B 325 -1.21 9.03 -26.39
CA PHE B 325 -0.67 9.70 -27.57
C PHE B 325 0.14 8.71 -28.41
N PRO B 326 0.13 8.86 -29.74
CA PRO B 326 0.94 8.01 -30.60
C PRO B 326 2.39 8.45 -30.74
N PHE B 327 2.78 9.56 -30.11
CA PHE B 327 4.09 10.13 -30.36
C PHE B 327 5.20 9.19 -29.88
N LYS B 328 6.26 9.07 -30.68
CA LYS B 328 7.49 8.45 -30.19
C LYS B 328 8.15 9.41 -29.20
N SER B 329 8.91 8.83 -28.29
CA SER B 329 9.57 9.55 -27.22
C SER B 329 11.07 9.34 -27.32
N LEU B 330 11.83 10.41 -27.09
CA LEU B 330 13.28 10.23 -27.09
C LEU B 330 13.67 9.31 -25.96
N PHE B 331 13.04 9.46 -24.80
CA PHE B 331 13.27 8.58 -23.65
C PHE B 331 11.92 8.02 -23.19
N PRO B 332 11.41 6.99 -23.84
CA PRO B 332 10.13 6.41 -23.44
C PRO B 332 10.24 5.69 -22.12
N PRO B 333 9.12 5.29 -21.53
CA PRO B 333 9.19 4.61 -20.24
C PRO B 333 10.04 3.36 -20.41
N ALA B 334 10.90 3.09 -19.42
CA ALA B 334 11.63 1.84 -19.40
C ALA B 334 10.71 0.61 -19.47
N SER B 335 11.12 -0.37 -20.27
CA SER B 335 10.27 -1.53 -20.49
C SER B 335 10.22 -2.38 -19.23
N ASN B 336 11.38 -2.51 -18.55
CA ASN B 336 11.55 -3.28 -17.30
C ASN B 336 11.09 -4.73 -17.46
N LYS B 337 11.56 -5.35 -18.54
CA LYS B 337 11.32 -6.75 -18.83
C LYS B 337 12.24 -7.67 -18.01
N ASN B 338 11.69 -8.81 -17.59
CA ASN B 338 12.46 -9.82 -16.89
C ASN B 338 13.09 -9.27 -15.61
N VAL B 339 12.29 -8.56 -14.82
CA VAL B 339 12.60 -8.35 -13.41
C VAL B 339 12.65 -9.71 -12.71
N LEU B 340 13.14 -9.74 -11.47
CA LEU B 340 13.34 -11.01 -10.80
C LEU B 340 12.05 -11.82 -10.74
N ALA B 341 10.93 -11.19 -10.37
CA ALA B 341 9.67 -11.91 -10.26
C ALA B 341 9.23 -12.53 -11.60
N GLU B 342 9.36 -11.77 -12.69
CA GLU B 342 9.01 -12.29 -14.01
C GLU B 342 9.96 -13.38 -14.45
N TRP B 343 11.26 -13.20 -14.20
CA TRP B 343 12.22 -14.19 -14.67
C TRP B 343 12.01 -15.52 -13.95
N LEU B 344 11.80 -15.47 -12.64
CA LEU B 344 11.53 -16.70 -11.89
C LEU B 344 10.30 -17.41 -12.45
N ALA B 345 9.24 -16.65 -12.76
CA ALA B 345 8.08 -17.32 -13.35
C ALA B 345 8.45 -17.96 -14.68
N GLU B 346 9.19 -17.23 -15.53
CA GLU B 346 9.59 -17.77 -16.83
C GLU B 346 10.44 -19.02 -16.68
N GLN B 347 11.26 -19.07 -15.64
CA GLN B 347 12.09 -20.21 -15.32
C GLN B 347 11.32 -21.33 -14.64
N LYS B 348 10.01 -21.13 -14.43
CA LYS B 348 9.15 -22.11 -13.77
C LYS B 348 9.59 -22.37 -12.33
N VAL B 349 9.85 -21.28 -11.60
CA VAL B 349 10.21 -21.30 -10.19
C VAL B 349 9.22 -20.43 -9.41
N SER B 350 8.57 -21.02 -8.40
CA SER B 350 7.58 -20.30 -7.61
C SER B 350 8.27 -19.37 -6.60
N GLN B 351 7.48 -18.46 -6.05
CA GLN B 351 8.02 -17.39 -5.22
C GLN B 351 6.96 -16.86 -4.25
N PHE B 352 7.44 -16.19 -3.21
CA PHE B 352 6.59 -15.69 -2.13
C PHE B 352 7.03 -14.27 -1.77
N HIS B 353 6.09 -13.34 -1.72
CA HIS B 353 6.38 -11.96 -1.33
C HIS B 353 5.48 -11.59 -0.16
N CYS B 354 6.06 -11.03 0.89
CA CYS B 354 5.29 -10.75 2.08
C CYS B 354 5.68 -9.43 2.70
N ALA B 355 4.67 -8.66 3.10
CA ALA B 355 4.92 -7.44 3.84
C ALA B 355 3.69 -7.11 4.66
N GLU B 356 3.85 -6.19 5.61
CA GLU B 356 2.69 -5.59 6.24
C GLU B 356 2.21 -4.39 5.40
N THR B 357 1.06 -3.85 5.78
CA THR B 357 0.32 -2.91 4.93
C THR B 357 1.16 -1.72 4.45
N GLU B 358 1.93 -1.07 5.35
CA GLU B 358 2.63 0.16 4.95
C GLU B 358 3.64 -0.05 3.83
N LYS B 359 4.14 -1.26 3.65
CA LYS B 359 5.13 -1.52 2.60
C LYS B 359 4.63 -2.61 1.66
N TYR B 360 3.34 -2.91 1.70
CA TYR B 360 2.80 -3.98 0.87
C TYR B 360 2.90 -3.64 -0.61
N ALA B 361 2.60 -2.38 -0.96
CA ALA B 361 2.76 -1.94 -2.35
C ALA B 361 4.19 -2.05 -2.83
N HIS B 362 5.16 -1.83 -1.93
CA HIS B 362 6.57 -1.82 -2.33
C HIS B 362 7.07 -3.22 -2.70
N VAL B 363 6.63 -4.25 -1.99
CA VAL B 363 7.05 -5.63 -2.30
C VAL B 363 6.22 -6.25 -3.41
N THR B 364 5.21 -5.53 -3.91
CA THR B 364 4.35 -6.04 -4.99
C THR B 364 4.47 -5.14 -6.21
N PHE B 365 3.73 -4.03 -6.23
CA PHE B 365 3.72 -3.16 -7.41
C PHE B 365 5.14 -2.74 -7.79
N PHE B 366 5.90 -2.22 -6.83
CA PHE B 366 7.22 -1.67 -7.14
C PHE B 366 8.27 -2.75 -7.29
N PHE B 367 8.32 -3.72 -6.36
CA PHE B 367 9.30 -4.80 -6.48
C PHE B 367 9.20 -5.49 -7.84
N ASN B 368 8.01 -5.63 -8.39
CA ASN B 368 7.81 -6.34 -9.65
C ASN B 368 8.02 -5.47 -10.89
N GLY B 369 8.63 -4.29 -10.75
CA GLY B 369 8.95 -3.47 -11.90
C GLY B 369 8.11 -2.23 -12.10
N GLY B 370 7.30 -1.83 -11.12
CA GLY B 370 6.49 -0.63 -11.24
C GLY B 370 5.22 -0.82 -12.04
N LEU B 371 4.52 -1.95 -11.86
CA LEU B 371 3.25 -2.19 -12.53
C LEU B 371 2.41 -3.19 -11.73
N GLU B 372 1.11 -3.17 -11.99
CA GLU B 372 0.18 -4.10 -11.35
C GLU B 372 0.24 -5.41 -12.10
N LYS B 373 1.04 -6.35 -11.58
CA LYS B 373 1.16 -7.67 -12.20
C LYS B 373 1.58 -8.76 -11.23
N GLN B 374 0.80 -9.83 -11.13
CA GLN B 374 1.20 -10.96 -10.31
C GLN B 374 1.53 -12.11 -11.27
N PHE B 375 2.68 -12.73 -11.09
CA PHE B 375 3.19 -13.69 -12.06
C PHE B 375 2.81 -15.09 -11.68
N GLU B 376 2.87 -15.98 -12.67
CA GLU B 376 2.53 -17.38 -12.42
C GLU B 376 3.46 -17.90 -11.34
N GLY B 377 2.87 -18.53 -10.32
CA GLY B 377 3.60 -19.11 -9.22
C GLY B 377 3.95 -18.14 -8.10
N GLU B 378 3.60 -16.86 -8.24
CA GLU B 378 3.89 -15.86 -7.21
C GLU B 378 2.75 -15.82 -6.19
N GLU B 379 3.08 -16.09 -4.94
CA GLU B 379 2.13 -15.98 -3.85
C GLU B 379 2.48 -14.74 -3.03
N ARG B 380 1.45 -14.00 -2.64
CA ARG B 380 1.63 -12.77 -1.89
C ARG B 380 0.92 -12.89 -0.54
N CYS B 381 1.46 -12.22 0.48
CA CYS B 381 0.89 -12.24 1.81
C CYS B 381 1.00 -10.84 2.43
N LEU B 382 -0.13 -10.32 2.92
CA LEU B 382 -0.20 -9.03 3.57
C LEU B 382 -0.53 -9.22 5.05
N VAL B 383 0.24 -8.59 5.91
CA VAL B 383 0.03 -8.54 7.35
C VAL B 383 -0.49 -7.16 7.72
N PRO B 384 -1.62 -7.05 8.43
CA PRO B 384 -2.13 -5.74 8.81
C PRO B 384 -1.16 -4.98 9.71
N SER B 385 -0.97 -3.71 9.41
CA SER B 385 -0.27 -2.82 10.32
C SER B 385 -1.14 -2.52 11.55
N PRO B 386 -0.53 -2.17 12.67
CA PRO B 386 -1.31 -1.85 13.86
C PRO B 386 -2.12 -0.58 13.67
N LYS B 387 -3.25 -0.53 14.38
CA LYS B 387 -4.12 0.65 14.33
C LYS B 387 -3.81 1.56 15.52
N VAL B 388 -2.80 2.42 15.33
CA VAL B 388 -2.40 3.40 16.34
C VAL B 388 -2.26 4.74 15.64
N ALA B 389 -2.36 5.82 16.41
CA ALA B 389 -2.30 7.15 15.80
C ALA B 389 -0.98 7.37 15.09
N THR B 390 0.14 7.07 15.78
CA THR B 390 1.47 7.17 15.20
C THR B 390 2.27 5.97 15.67
N TYR B 391 3.25 5.55 14.87
CA TYR B 391 3.90 4.25 15.11
C TYR B 391 4.92 4.27 16.24
N ASP B 392 5.36 5.44 16.72
CA ASP B 392 6.16 5.48 17.93
C ASP B 392 5.39 4.95 19.13
N LEU B 393 4.06 4.90 19.03
CA LEU B 393 3.24 4.33 20.09
C LEU B 393 3.27 2.81 20.06
N GLN B 394 3.68 2.19 18.95
CA GLN B 394 3.92 0.75 18.88
C GLN B 394 5.09 0.50 17.95
N PRO B 395 6.31 0.79 18.41
CA PRO B 395 7.45 0.77 17.49
C PRO B 395 7.74 -0.60 16.88
N GLU B 396 7.33 -1.69 17.52
CA GLU B 396 7.50 -3.02 16.92
C GLU B 396 6.59 -3.25 15.72
N MET B 397 5.64 -2.35 15.47
CA MET B 397 4.63 -2.50 14.44
C MET B 397 4.16 -3.95 14.31
N SER B 398 4.20 -4.52 13.10
CA SER B 398 3.76 -5.89 12.86
C SER B 398 4.91 -6.76 12.37
N ALA B 399 6.13 -6.45 12.81
CA ALA B 399 7.29 -7.21 12.33
C ALA B 399 7.18 -8.66 12.71
N ALA B 400 6.64 -8.92 13.90
CA ALA B 400 6.48 -10.29 14.40
C ALA B 400 5.59 -11.11 13.49
N GLY B 401 4.50 -10.51 12.97
CA GLY B 401 3.60 -11.26 12.10
C GLY B 401 4.19 -11.57 10.74
N VAL B 402 4.95 -10.63 10.17
CA VAL B 402 5.70 -10.91 8.95
C VAL B 402 6.62 -12.10 9.18
N ALA B 403 7.33 -12.07 10.32
CA ALA B 403 8.20 -13.19 10.67
C ALA B 403 7.41 -14.50 10.70
N ASP B 404 6.22 -14.48 11.35
CA ASP B 404 5.40 -15.70 11.40
C ASP B 404 5.12 -16.25 10.01
N LYS B 405 4.70 -15.39 9.08
CA LYS B 405 4.38 -15.88 7.73
C LYS B 405 5.60 -16.37 6.97
N MET B 406 6.78 -15.78 7.21
CA MET B 406 7.97 -16.27 6.53
C MET B 406 8.39 -17.62 7.11
N ILE B 407 8.31 -17.77 8.43
CA ILE B 407 8.62 -19.06 9.03
C ILE B 407 7.66 -20.13 8.52
N GLU B 408 6.38 -19.76 8.33
CA GLU B 408 5.43 -20.73 7.81
C GLU B 408 5.86 -21.19 6.41
N GLN B 409 6.36 -20.26 5.60
CA GLN B 409 6.79 -20.65 4.26
C GLN B 409 8.07 -21.47 4.30
N LEU B 410 8.96 -21.19 5.26
CA LEU B 410 10.17 -21.98 5.36
C LEU B 410 9.85 -23.41 5.79
N GLU B 411 8.92 -23.57 6.73
CA GLU B 411 8.53 -24.92 7.12
C GLU B 411 7.87 -25.66 5.95
N ALA B 412 7.04 -24.97 5.18
CA ALA B 412 6.45 -25.64 4.03
C ALA B 412 7.51 -26.02 3.00
N GLY B 413 8.44 -25.12 2.71
CA GLY B 413 9.44 -25.39 1.69
C GLY B 413 8.91 -25.33 0.26
N THR B 414 7.69 -24.84 0.05
CA THR B 414 7.09 -24.91 -1.27
C THR B 414 7.86 -24.07 -2.28
N HIS B 415 8.24 -22.85 -1.89
CA HIS B 415 8.73 -21.88 -2.86
C HIS B 415 10.24 -21.74 -2.73
N PRO B 416 11.01 -21.97 -3.80
CA PRO B 416 12.47 -21.81 -3.72
C PRO B 416 12.95 -20.37 -3.53
N PHE B 417 12.13 -19.36 -3.78
CA PHE B 417 12.53 -17.99 -3.48
C PHE B 417 11.40 -17.34 -2.70
N ILE B 418 11.72 -16.90 -1.48
CA ILE B 418 10.78 -16.15 -0.66
C ILE B 418 11.47 -14.86 -0.23
N MET B 419 10.67 -13.80 -0.08
CA MET B 419 11.18 -12.49 0.28
C MET B 419 10.14 -11.76 1.14
N CYS B 420 10.63 -10.88 2.01
CA CYS B 420 9.72 -10.04 2.78
C CYS B 420 10.33 -8.66 3.02
N ASN B 421 9.48 -7.72 3.47
CA ASN B 421 9.90 -6.40 3.94
C ASN B 421 9.66 -6.27 5.43
N PHE B 422 10.55 -5.56 6.13
CA PHE B 422 10.39 -5.16 7.53
C PHE B 422 10.31 -3.64 7.65
N ALA B 423 9.17 -3.14 8.11
CA ALA B 423 8.82 -1.72 8.11
C ALA B 423 9.35 -0.82 9.24
N PRO B 424 9.58 -1.33 10.45
CA PRO B 424 9.74 -0.43 11.62
C PRO B 424 10.79 0.67 11.44
N PRO B 425 12.02 0.36 11.00
CA PRO B 425 13.04 1.43 11.02
C PRO B 425 12.67 2.67 10.22
N ASP B 426 12.03 2.53 9.03
CA ASP B 426 11.63 3.71 8.24
C ASP B 426 10.42 4.40 8.84
N MET B 427 9.39 3.65 9.18
CA MET B 427 8.14 4.28 9.59
C MET B 427 8.29 4.92 10.96
N VAL B 428 8.96 4.24 11.90
CA VAL B 428 9.24 4.86 13.19
C VAL B 428 10.32 5.93 13.04
N GLY B 429 11.28 5.71 12.15
CA GLY B 429 12.28 6.73 11.89
C GLY B 429 11.66 8.07 11.51
N HIS B 430 10.57 8.05 10.75
CA HIS B 430 9.95 9.30 10.33
C HIS B 430 9.32 10.07 11.49
N THR B 431 9.07 9.43 12.64
CA THR B 431 8.58 10.16 13.80
C THR B 431 9.65 11.04 14.44
N GLY B 432 10.92 10.74 14.22
CA GLY B 432 12.00 11.47 14.86
C GLY B 432 12.21 11.17 16.32
N VAL B 433 11.50 10.18 16.85
CA VAL B 433 11.57 9.81 18.26
C VAL B 433 12.68 8.78 18.44
N TYR B 434 13.80 9.21 19.04
CA TYR B 434 14.99 8.36 19.07
C TYR B 434 14.73 7.05 19.83
N GLU B 435 14.16 7.14 21.03
CA GLU B 435 13.98 5.93 21.84
C GLU B 435 13.01 4.96 21.18
N ALA B 436 12.00 5.50 20.48
CA ALA B 436 11.08 4.65 19.71
C ALA B 436 11.79 3.97 18.56
N ALA B 437 12.66 4.68 17.84
CA ALA B 437 13.44 4.07 16.77
C ALA B 437 14.34 2.97 17.32
N VAL B 438 14.88 3.16 18.52
CA VAL B 438 15.71 2.13 19.14
C VAL B 438 14.88 0.88 19.38
N LYS B 439 13.67 1.04 19.94
CA LYS B 439 12.83 -0.13 20.19
C LYS B 439 12.44 -0.80 18.86
N ALA B 440 12.21 0.00 17.82
CA ALA B 440 11.90 -0.52 16.50
C ALA B 440 13.01 -1.40 15.96
N CYS B 441 14.27 -0.95 16.10
CA CYS B 441 15.38 -1.75 15.62
C CYS B 441 15.59 -3.01 16.46
N GLU B 442 15.30 -2.95 17.76
CA GLU B 442 15.44 -4.16 18.57
C GLU B 442 14.40 -5.21 18.16
N ALA B 443 13.15 -4.79 17.93
CA ALA B 443 12.11 -5.71 17.47
C ALA B 443 12.41 -6.28 16.09
N THR B 444 12.99 -5.45 15.21
CA THR B 444 13.33 -5.92 13.88
C THR B 444 14.42 -6.97 13.95
N ASP B 445 15.45 -6.72 14.77
CA ASP B 445 16.52 -7.70 14.92
C ASP B 445 15.96 -9.01 15.46
N ILE B 446 15.01 -8.94 16.39
CA ILE B 446 14.42 -10.16 16.93
C ILE B 446 13.75 -10.95 15.79
N ALA B 447 12.95 -10.26 14.97
CA ALA B 447 12.29 -10.94 13.87
C ALA B 447 13.28 -11.58 12.92
N ILE B 448 14.36 -10.86 12.60
CA ILE B 448 15.35 -11.40 11.71
C ILE B 448 15.94 -12.67 12.32
N GLY B 449 16.16 -12.66 13.63
CA GLY B 449 16.70 -13.85 14.27
C GLY B 449 15.79 -15.06 14.17
N ARG B 450 14.48 -14.84 14.33
CA ARG B 450 13.53 -15.96 14.19
C ARG B 450 13.53 -16.52 12.78
N ILE B 451 13.51 -15.62 11.77
CA ILE B 451 13.60 -16.08 10.39
C ILE B 451 14.90 -16.84 10.15
N TYR B 452 16.04 -16.30 10.63
CA TYR B 452 17.34 -16.94 10.38
C TYR B 452 17.36 -18.35 10.97
N GLU B 453 16.82 -18.53 12.19
CA GLU B 453 16.85 -19.86 12.81
C GLU B 453 16.00 -20.83 11.99
N ALA B 454 14.86 -20.36 11.48
CA ALA B 454 14.06 -21.23 10.62
C ALA B 454 14.76 -21.53 9.27
N THR B 455 15.48 -20.54 8.69
CA THR B 455 16.20 -20.80 7.43
C THR B 455 17.24 -21.86 7.61
N GLN B 456 17.94 -21.83 8.76
CA GLN B 456 18.97 -22.83 9.02
C GLN B 456 18.36 -24.20 9.28
N LYS B 457 17.18 -24.26 9.94
CA LYS B 457 16.55 -25.56 10.16
C LYS B 457 15.99 -26.17 8.87
N HIS B 458 15.60 -25.34 7.89
CA HIS B 458 14.85 -25.82 6.71
C HIS B 458 15.59 -25.66 5.38
N GLY B 459 16.88 -25.34 5.40
CA GLY B 459 17.65 -25.43 4.17
C GLY B 459 17.53 -24.28 3.21
N TYR B 460 17.34 -23.07 3.73
CA TYR B 460 17.36 -21.87 2.91
C TYR B 460 18.63 -21.08 3.24
N SER B 461 19.15 -20.39 2.23
CA SER B 461 20.20 -19.41 2.43
C SER B 461 19.54 -18.06 2.69
N LEU B 462 20.05 -17.33 3.66
CA LEU B 462 19.46 -16.07 4.07
C LEU B 462 20.28 -14.90 3.55
N MET B 463 19.62 -13.95 2.90
CA MET B 463 20.23 -12.68 2.53
C MET B 463 19.43 -11.53 3.13
N VAL B 464 20.10 -10.64 3.85
CA VAL B 464 19.49 -9.46 4.45
C VAL B 464 20.07 -8.22 3.78
N THR B 465 19.19 -7.29 3.39
CA THR B 465 19.58 -5.99 2.81
C THR B 465 18.65 -4.93 3.37
N ALA B 466 18.76 -3.73 2.83
CA ALA B 466 17.82 -2.66 3.09
C ALA B 466 17.60 -1.90 1.80
N ASP B 467 16.53 -1.12 1.75
CA ASP B 467 16.17 -0.39 0.56
C ASP B 467 16.78 0.99 0.57
N HIS B 468 17.26 1.42 1.73
CA HIS B 468 17.84 2.73 2.01
C HIS B 468 17.93 2.84 3.52
N GLY B 469 18.73 3.79 4.01
CA GLY B 469 18.83 4.06 5.43
C GLY B 469 17.77 5.04 5.92
N ASN B 470 17.69 5.16 7.26
CA ASN B 470 16.79 6.11 7.91
C ASN B 470 17.12 6.19 9.39
N ALA B 471 16.94 5.08 10.10
CA ALA B 471 16.98 5.06 11.56
C ALA B 471 18.37 5.27 12.13
N GLU B 472 19.41 5.14 11.31
CA GLU B 472 20.77 5.39 11.79
C GLU B 472 21.08 6.88 11.98
N LYS B 473 20.13 7.79 11.64
CA LYS B 473 20.30 9.24 11.78
C LYS B 473 18.99 9.87 12.27
N MET B 474 18.79 9.84 13.59
CA MET B 474 17.58 10.40 14.20
C MET B 474 17.74 11.84 14.67
N LYS B 475 18.96 12.39 14.69
CA LYS B 475 19.21 13.71 15.22
C LYS B 475 20.00 14.55 14.24
N ALA B 476 19.56 15.79 14.02
CA ALA B 476 20.31 16.76 13.25
C ALA B 476 21.52 17.27 14.06
N PRO B 477 22.44 18.00 13.42
CA PRO B 477 23.64 18.44 14.17
C PRO B 477 23.33 19.32 15.36
N ASP B 478 22.23 20.06 15.31
CA ASP B 478 21.83 20.93 16.40
C ASP B 478 21.07 20.20 17.49
N GLY B 479 20.96 18.86 17.39
CA GLY B 479 20.27 18.07 18.38
C GLY B 479 18.78 17.91 18.15
N GLY B 480 18.21 18.60 17.15
CA GLY B 480 16.81 18.42 16.83
C GLY B 480 16.55 17.15 16.05
N LYS B 481 15.27 16.94 15.72
CA LYS B 481 14.85 15.72 15.07
C LYS B 481 15.36 15.69 13.63
N HIS B 482 15.77 14.52 13.16
CA HIS B 482 15.98 14.29 11.73
C HIS B 482 15.01 13.19 11.31
N THR B 483 14.04 13.53 10.46
CA THR B 483 12.96 12.62 10.10
C THR B 483 13.07 12.06 8.68
N ALA B 484 14.21 12.24 8.02
CA ALA B 484 14.33 11.93 6.61
C ALA B 484 15.19 10.68 6.44
N HIS B 485 15.11 10.12 5.22
CA HIS B 485 16.04 9.10 4.78
C HIS B 485 17.46 9.66 4.68
N THR B 486 18.43 8.77 4.45
CA THR B 486 19.84 9.15 4.42
C THR B 486 20.50 8.67 3.13
N CYS B 487 21.78 9.00 2.98
CA CYS B 487 22.59 8.54 1.85
C CYS B 487 23.62 7.47 2.24
N TYR B 488 23.49 6.86 3.41
CA TYR B 488 24.44 5.85 3.83
C TYR B 488 24.24 4.55 3.04
N ARG B 489 25.26 3.70 3.07
CA ARG B 489 25.14 2.38 2.46
C ARG B 489 24.20 1.51 3.28
N VAL B 490 23.75 0.43 2.64
CA VAL B 490 22.89 -0.55 3.28
C VAL B 490 23.65 -1.88 3.32
N PRO B 491 23.29 -2.77 4.23
CA PRO B 491 23.94 -4.08 4.30
C PRO B 491 23.55 -4.99 3.16
N LEU B 492 24.43 -5.96 2.89
CA LEU B 492 24.06 -7.17 2.17
C LEU B 492 24.73 -8.37 2.83
N THR B 493 23.95 -9.28 3.40
CA THR B 493 24.48 -10.43 4.11
C THR B 493 24.25 -11.71 3.32
N LEU B 494 24.94 -12.77 3.71
CA LEU B 494 24.78 -14.06 3.04
C LEU B 494 25.26 -15.16 3.97
N SER B 495 24.36 -16.05 4.37
CA SER B 495 24.69 -17.14 5.28
C SER B 495 25.41 -18.30 4.60
N HIS B 496 25.42 -18.37 3.26
CA HIS B 496 26.00 -19.53 2.58
C HIS B 496 27.53 -19.43 2.60
N PRO B 497 28.24 -20.40 3.20
CA PRO B 497 29.71 -20.26 3.32
C PRO B 497 30.50 -20.46 2.03
N GLY B 498 29.88 -20.96 0.96
CA GLY B 498 30.49 -21.27 -0.32
C GLY B 498 30.62 -20.09 -1.27
N PHE B 499 30.33 -18.87 -0.81
CA PHE B 499 30.43 -17.67 -1.62
C PHE B 499 31.18 -16.60 -0.85
N LYS B 500 31.88 -15.73 -1.58
CA LYS B 500 32.52 -14.57 -0.99
C LYS B 500 32.07 -13.34 -1.75
N PHE B 501 31.86 -12.24 -1.04
CA PHE B 501 31.45 -11.00 -1.70
C PHE B 501 32.63 -10.42 -2.47
N VAL B 502 32.36 -9.95 -3.68
CA VAL B 502 33.33 -9.24 -4.50
C VAL B 502 32.70 -7.98 -5.07
N ASP B 503 33.52 -6.97 -5.31
CA ASP B 503 33.00 -5.72 -5.85
C ASP B 503 32.91 -5.77 -7.38
N PRO B 504 32.08 -4.92 -7.97
CA PRO B 504 32.10 -4.77 -9.43
C PRO B 504 33.41 -4.17 -9.89
N ALA B 505 33.71 -4.35 -11.18
CA ALA B 505 34.99 -3.89 -11.69
C ALA B 505 35.10 -2.38 -11.65
N ASP B 506 34.04 -1.68 -12.04
CA ASP B 506 34.13 -0.27 -12.41
C ASP B 506 33.33 0.65 -11.52
N ARG B 507 32.70 0.15 -10.46
CA ARG B 507 31.79 0.97 -9.66
C ARG B 507 31.57 0.30 -8.33
N HIS B 508 31.02 1.08 -7.41
CA HIS B 508 30.61 0.52 -6.14
C HIS B 508 29.45 -0.46 -6.37
N PRO B 509 29.33 -1.50 -5.54
CA PRO B 509 28.13 -2.33 -5.57
C PRO B 509 26.90 -1.55 -5.13
N ALA B 510 25.74 -1.94 -5.65
CA ALA B 510 24.51 -1.20 -5.43
C ALA B 510 23.33 -2.18 -5.44
N LEU B 511 22.13 -1.63 -5.18
CA LEU B 511 20.91 -2.44 -5.14
C LEU B 511 20.67 -3.20 -6.44
N CYS B 512 21.09 -2.65 -7.58
CA CYS B 512 20.91 -3.36 -8.85
C CYS B 512 21.64 -4.70 -8.85
N ASP B 513 22.55 -4.91 -7.91
CA ASP B 513 23.32 -6.15 -7.86
C ASP B 513 22.68 -7.19 -6.96
N VAL B 514 21.62 -6.84 -6.24
CA VAL B 514 21.02 -7.79 -5.30
C VAL B 514 20.42 -8.96 -6.07
N ALA B 515 19.61 -8.66 -7.08
CA ALA B 515 18.88 -9.68 -7.81
C ALA B 515 19.77 -10.59 -8.66
N PRO B 516 20.77 -10.05 -9.38
CA PRO B 516 21.75 -10.93 -10.03
C PRO B 516 22.40 -11.90 -9.08
N THR B 517 22.74 -11.43 -7.89
CA THR B 517 23.41 -12.28 -6.91
C THR B 517 22.49 -13.40 -6.44
N VAL B 518 21.22 -13.07 -6.19
CA VAL B 518 20.24 -14.07 -5.80
C VAL B 518 20.24 -15.20 -6.81
N LEU B 519 20.19 -14.85 -8.10
CA LEU B 519 20.06 -15.88 -9.12
C LEU B 519 21.29 -16.78 -9.11
N ALA B 520 22.47 -16.18 -8.95
CA ALA B 520 23.70 -16.97 -8.89
C ALA B 520 23.62 -18.02 -7.79
N ILE B 521 23.16 -17.62 -6.60
CA ILE B 521 23.08 -18.60 -5.52
C ILE B 521 22.07 -19.68 -5.87
N MET B 522 20.93 -19.31 -6.44
CA MET B 522 19.93 -20.31 -6.79
C MET B 522 20.38 -21.24 -7.92
N GLY B 523 21.42 -20.90 -8.67
CA GLY B 523 21.77 -21.75 -9.79
C GLY B 523 20.88 -21.58 -11.00
N LEU B 524 20.33 -20.39 -11.21
CA LEU B 524 19.49 -20.07 -12.34
C LEU B 524 20.22 -19.14 -13.31
N PRO B 525 19.81 -19.08 -14.58
CA PRO B 525 20.44 -18.12 -15.50
C PRO B 525 20.04 -16.68 -15.21
N GLN B 526 20.90 -15.76 -15.64
CA GLN B 526 20.60 -14.33 -15.49
C GLN B 526 20.11 -13.76 -16.82
N PRO B 527 18.99 -13.06 -16.86
CA PRO B 527 18.53 -12.47 -18.14
C PRO B 527 19.40 -11.29 -18.57
N ALA B 528 19.50 -11.14 -19.90
CA ALA B 528 20.25 -10.03 -20.49
C ALA B 528 19.81 -8.68 -19.97
N GLU B 529 18.53 -8.55 -19.63
CA GLU B 529 17.98 -7.27 -19.17
C GLU B 529 18.52 -6.85 -17.82
N MET B 530 19.07 -7.79 -17.03
CA MET B 530 19.71 -7.47 -15.76
C MET B 530 21.15 -7.06 -16.02
N THR B 531 21.39 -5.75 -16.06
CA THR B 531 22.72 -5.20 -16.31
C THR B 531 23.49 -4.99 -15.03
N GLY B 532 22.89 -5.31 -13.89
CA GLY B 532 23.65 -5.55 -12.69
C GLY B 532 24.50 -6.79 -12.82
N VAL B 533 25.33 -7.01 -11.80
CA VAL B 533 26.23 -8.16 -11.77
C VAL B 533 26.09 -8.85 -10.42
N SER B 534 26.25 -10.17 -10.43
CA SER B 534 26.40 -10.90 -9.18
C SER B 534 27.68 -10.42 -8.49
N ILE B 535 27.58 -10.17 -7.18
CA ILE B 535 28.73 -9.68 -6.42
C ILE B 535 29.19 -10.74 -5.41
N VAL B 536 29.01 -12.00 -5.76
CA VAL B 536 29.60 -13.12 -5.03
C VAL B 536 30.41 -13.95 -6.02
N GLN B 537 31.40 -14.66 -5.47
CA GLN B 537 32.13 -15.68 -6.20
C GLN B 537 32.12 -16.98 -5.40
N LYS B 538 31.99 -18.08 -6.14
CA LYS B 538 32.04 -19.43 -5.58
C LYS B 538 33.42 -19.76 -5.00
N ILE B 539 33.43 -20.42 -3.84
CA ILE B 539 34.69 -20.82 -3.18
C ILE B 539 34.49 -22.15 -2.44
#